data_5GS2
#
_entry.id   5GS2
#
_cell.length_a   278.835
_cell.length_b   278.835
_cell.length_c   132.322
_cell.angle_alpha   90.00
_cell.angle_beta   90.00
_cell.angle_gamma   120.00
#
_symmetry.space_group_name_H-M   'H 3 2'
#
loop_
_entity.id
_entity.type
_entity.pdbx_description
1 polymer 'Maltose-binding periplasmic protein'
2 polymer anti-repebody
3 polymer anti-MBP
4 polymer repebody
#
loop_
_entity_poly.entity_id
_entity_poly.type
_entity_poly.pdbx_seq_one_letter_code
_entity_poly.pdbx_strand_id
1 'polypeptide(L)'
;KIEEGKLVIWINGDKGYNGLAEVGKKFEKDTGIKVTVEHPDKLEEKFPQVAATGDGPDIIFWAHDRFGGYAQSGLLAEIT
PDKAFQDKLYPFTWDAVRYNGKLIAYPIAVEALSLIYNKDLLPNPPKTWEEIPALDKELKAKGKSALMFNLQEPYFTWPL
IAADGGYAFKYENGKYDIKDVGVDNAGAKAGLTFLVDLIKNKHMNADTDYSIAEAAFNKGETAMTINGPWAWSNIDTSKV
NYGVTVLPTFKGQPSKPFVGVLSAGINAASPNKELAKEFLENYLLTDEGLEAVNKDKPLGAVALKSYEEELAKDPRIAAT
MENAQKGEIMPNIPQMSAFWYAVRTAVINAASGRQTVDEALKDAQTN
;
A
2 'polypeptide(L)'
;QVQLKESGPELVKPGASVKMSCKASGYTFTSYVIHWVKQRPGQGLEWIGYINPYNDGSKYNEKFKGKATLTSDKSSSTAY
MDLSSLTSEDSAVYYCARYGVRGDYYAVDYWGQGTSVTVSSGGGGSDIQMTQSPSSLSASVGDRVTITCRASQSVSSAVA
WYQQKPGKAPKLLIYSASSLYSGVPSRFSGSRSGTDFTLTISSLQPEDFATYYCQQSSSSLITFGQGTKVEIK
;
D
3 'polypeptide(L)'
;EVQLVESGGGLVQPGGSLRLSCAASGFNFSSSSIHWVRQAPGKGLEWVASISSSSGSTSYADSVKGRFTISADTSKNTAY
LQMNSLTAEDTAVYYCARYGHWSWGRWWNYWVALDYWGQGTLVTVSSGGGGSDIVMTQSQKFMSTSAGDRVSITCKASQN
VRTAVAWYQQKPGQSPKALIYLASNRHTGVPDRFTGSGSGTDFTLTISNVQSEDLADYFCLQHWSYPYTFGGGTKLEIK
;
H
4 'polypeptide(L)'
;ETITVSTPIKQIFPDDAFAETIKANLKKKSVTDAVTQNELNSIDQIIANNSDIKSVQGIQYLPNVRYLALGGNKLHDISA
LKELTNLTYLILTGNQLQSLPNGVFDKLTNLKELVLVENQLQSLPDGVFDKLTNLTYLYLYHNQLQSLPKGVFDKLTNLT
RLDLDNNQLQSLPEGVFDKLTQLKQLSLNDNQLKSVPDGVFDRLTSLTHIWLLNNPWDCACSDILYLSRWISQHPGLVFG
YLNLDPDSARCSGTNTPVRAVTEASTSPSKCPG
;
B
#
# COMPACT_ATOMS: atom_id res chain seq x y z
N LYS A 1 -18.22 -49.75 -22.83
CA LYS A 1 -17.57 -48.56 -22.30
C LYS A 1 -18.47 -47.36 -22.65
N ILE A 2 -17.89 -46.20 -22.91
CA ILE A 2 -18.62 -45.02 -23.34
C ILE A 2 -18.29 -44.77 -24.81
N GLU A 3 -19.32 -44.53 -25.64
CA GLU A 3 -19.08 -44.15 -27.04
C GLU A 3 -18.75 -42.66 -27.13
N GLU A 4 -18.21 -42.26 -28.27
CA GLU A 4 -17.99 -40.83 -28.50
C GLU A 4 -19.15 -40.25 -29.27
N GLY A 5 -19.57 -39.05 -28.89
CA GLY A 5 -20.85 -38.54 -29.33
C GLY A 5 -21.92 -38.67 -28.27
N LYS A 6 -21.60 -39.34 -27.18
CA LYS A 6 -22.51 -39.48 -26.06
C LYS A 6 -21.76 -39.09 -24.78
N LEU A 7 -22.42 -38.27 -23.94
CA LEU A 7 -22.00 -38.05 -22.55
C LEU A 7 -22.83 -38.89 -21.56
N VAL A 8 -22.14 -39.73 -20.77
CA VAL A 8 -22.71 -40.44 -19.61
C VAL A 8 -22.31 -39.67 -18.34
N ILE A 9 -23.27 -39.08 -17.63
CA ILE A 9 -22.99 -38.30 -16.41
C ILE A 9 -23.42 -39.11 -15.19
N TRP A 10 -22.55 -39.16 -14.13
CA TRP A 10 -22.94 -39.71 -12.81
C TRP A 10 -22.98 -38.62 -11.74
N ILE A 11 -24.11 -38.59 -10.97
CA ILE A 11 -24.40 -37.63 -9.91
C ILE A 11 -25.21 -38.35 -8.84
N ASN A 12 -24.90 -38.09 -7.56
CA ASN A 12 -25.49 -38.84 -6.44
C ASN A 12 -27.01 -38.69 -6.35
N GLY A 13 -27.64 -39.72 -5.78
CA GLY A 13 -29.07 -39.89 -5.88
C GLY A 13 -29.89 -38.87 -5.13
N ASP A 14 -29.27 -38.12 -4.25
CA ASP A 14 -30.00 -37.13 -3.49
C ASP A 14 -30.00 -35.77 -4.15
N LYS A 15 -29.16 -35.56 -5.17
CA LYS A 15 -29.06 -34.29 -5.87
C LYS A 15 -30.23 -34.16 -6.84
N GLY A 16 -30.18 -33.16 -7.71
CA GLY A 16 -31.28 -32.96 -8.64
C GLY A 16 -31.02 -33.55 -9.99
N TYR A 17 -30.85 -34.88 -10.05
CA TYR A 17 -30.48 -35.53 -11.31
C TYR A 17 -31.49 -35.23 -12.40
N ASN A 18 -32.78 -35.18 -12.04
CA ASN A 18 -33.82 -34.98 -13.05
C ASN A 18 -33.66 -33.64 -13.74
N GLY A 19 -33.24 -32.61 -13.01
CA GLY A 19 -33.06 -31.29 -13.61
C GLY A 19 -31.78 -31.17 -14.40
N LEU A 20 -30.75 -31.93 -14.02
CA LEU A 20 -29.53 -32.00 -14.80
C LEU A 20 -29.74 -32.67 -16.16
N ALA A 21 -30.60 -33.70 -16.22
CA ALA A 21 -30.97 -34.28 -17.49
C ALA A 21 -31.78 -33.31 -18.34
N GLU A 22 -32.52 -32.40 -17.69
CA GLU A 22 -33.21 -31.35 -18.42
C GLU A 22 -32.23 -30.49 -19.20
N VAL A 23 -31.16 -30.08 -18.53
CA VAL A 23 -30.06 -29.37 -19.18
C VAL A 23 -29.37 -30.25 -20.22
N GLY A 24 -29.30 -31.56 -19.97
CA GLY A 24 -28.70 -32.44 -20.96
C GLY A 24 -29.43 -32.42 -22.28
N LYS A 25 -30.76 -32.37 -22.24
CA LYS A 25 -31.48 -32.37 -23.49
C LYS A 25 -31.48 -31.00 -24.13
N LYS A 26 -31.30 -29.95 -23.33
CA LYS A 26 -30.99 -28.66 -23.93
C LYS A 26 -29.74 -28.77 -24.77
N PHE A 27 -28.72 -29.45 -24.24
CA PHE A 27 -27.50 -29.71 -24.97
C PHE A 27 -27.77 -30.52 -26.24
N GLU A 28 -28.74 -31.43 -26.18
CA GLU A 28 -29.05 -32.29 -27.32
C GLU A 28 -29.64 -31.51 -28.48
N LYS A 29 -30.66 -30.71 -28.18
CA LYS A 29 -31.48 -30.09 -29.20
C LYS A 29 -30.71 -29.13 -30.09
N ASP A 30 -29.49 -28.75 -29.69
CA ASP A 30 -28.70 -27.89 -30.56
C ASP A 30 -27.24 -28.29 -30.75
N THR A 31 -26.80 -29.44 -30.27
CA THR A 31 -25.51 -29.97 -30.71
C THR A 31 -25.67 -31.36 -31.32
N GLY A 32 -26.76 -32.03 -30.97
CA GLY A 32 -27.00 -33.38 -31.39
C GLY A 32 -26.39 -34.43 -30.50
N ILE A 33 -25.70 -34.04 -29.45
CA ILE A 33 -25.04 -35.02 -28.58
C ILE A 33 -26.02 -35.48 -27.52
N LYS A 34 -26.28 -36.78 -27.47
CA LYS A 34 -27.13 -37.35 -26.44
C LYS A 34 -26.42 -37.29 -25.11
N VAL A 35 -27.19 -37.02 -24.06
CA VAL A 35 -26.67 -36.94 -22.70
C VAL A 35 -27.50 -37.84 -21.81
N THR A 36 -26.85 -38.71 -21.07
CA THR A 36 -27.54 -39.62 -20.16
C THR A 36 -27.05 -39.40 -18.74
N VAL A 37 -27.97 -39.05 -17.84
CA VAL A 37 -27.67 -38.82 -16.44
C VAL A 37 -28.12 -40.02 -15.63
N GLU A 38 -27.19 -40.62 -14.92
CA GLU A 38 -27.49 -41.82 -14.15
C GLU A 38 -27.04 -41.59 -12.73
N HIS A 39 -27.75 -42.18 -11.78
CA HIS A 39 -27.43 -41.98 -10.37
C HIS A 39 -27.19 -43.31 -9.70
N PRO A 40 -26.04 -43.92 -9.96
CA PRO A 40 -25.75 -45.23 -9.38
C PRO A 40 -25.46 -45.17 -7.90
N ASP A 41 -25.81 -46.26 -7.22
CA ASP A 41 -25.52 -46.35 -5.80
C ASP A 41 -24.02 -46.45 -5.57
N LYS A 42 -23.57 -45.86 -4.45
CA LYS A 42 -22.16 -45.86 -4.06
CA LYS A 42 -22.16 -45.86 -4.06
C LYS A 42 -21.27 -45.36 -5.20
N LEU A 43 -21.77 -44.39 -5.95
CA LEU A 43 -21.11 -43.76 -7.10
C LEU A 43 -19.64 -43.45 -6.82
N GLU A 44 -19.36 -42.96 -5.61
CA GLU A 44 -18.04 -42.45 -5.24
C GLU A 44 -16.99 -43.54 -5.11
N GLU A 45 -17.44 -44.79 -4.99
CA GLU A 45 -16.56 -45.94 -4.90
C GLU A 45 -16.47 -46.72 -6.20
N LYS A 46 -17.54 -46.75 -7.00
CA LYS A 46 -17.48 -47.45 -8.27
C LYS A 46 -16.56 -46.75 -9.27
N PHE A 47 -16.37 -45.44 -9.13
CA PHE A 47 -15.64 -44.69 -10.17
C PHE A 47 -14.16 -45.05 -10.24
N PRO A 48 -13.40 -45.06 -9.15
CA PRO A 48 -12.00 -45.46 -9.29
C PRO A 48 -11.82 -46.87 -9.83
N GLN A 49 -12.83 -47.72 -9.64
CA GLN A 49 -12.77 -49.13 -10.03
C GLN A 49 -13.04 -49.32 -11.52
N VAL A 50 -14.02 -48.61 -12.06
CA VAL A 50 -14.29 -48.76 -13.49
C VAL A 50 -13.42 -47.85 -14.36
N ALA A 51 -12.99 -46.70 -13.87
CA ALA A 51 -12.21 -45.78 -14.70
C ALA A 51 -10.83 -46.36 -15.05
N ALA A 52 -10.17 -47.04 -14.09
CA ALA A 52 -8.84 -47.60 -14.31
C ALA A 52 -8.84 -48.82 -15.24
N THR A 53 -10.00 -49.41 -15.52
CA THR A 53 -10.18 -50.37 -16.59
C THR A 53 -10.50 -49.71 -17.92
N GLY A 54 -10.76 -48.41 -17.93
CA GLY A 54 -10.98 -47.76 -19.20
C GLY A 54 -12.23 -46.91 -19.29
N ASP A 55 -13.22 -47.18 -18.45
CA ASP A 55 -14.53 -46.62 -18.75
C ASP A 55 -15.38 -46.45 -17.49
N GLY A 56 -16.64 -46.06 -17.70
CA GLY A 56 -17.43 -45.42 -16.67
C GLY A 56 -18.08 -44.22 -17.34
N PRO A 57 -18.30 -43.16 -16.59
CA PRO A 57 -18.96 -41.98 -17.17
C PRO A 57 -17.98 -41.04 -17.85
N ASP A 58 -18.47 -40.01 -18.53
CA ASP A 58 -17.55 -38.92 -18.84
C ASP A 58 -17.41 -37.96 -17.68
N ILE A 59 -18.53 -37.55 -17.09
CA ILE A 59 -18.59 -36.51 -16.09
C ILE A 59 -19.06 -37.14 -14.80
N ILE A 60 -18.39 -36.81 -13.70
CA ILE A 60 -18.77 -37.29 -12.39
C ILE A 60 -19.01 -36.08 -11.49
N PHE A 61 -20.10 -36.12 -10.74
CA PHE A 61 -20.47 -35.07 -9.80
C PHE A 61 -20.33 -35.60 -8.39
N TRP A 62 -19.59 -34.88 -7.57
CA TRP A 62 -19.46 -35.23 -6.16
C TRP A 62 -18.89 -34.03 -5.44
N ALA A 63 -18.81 -34.13 -4.12
CA ALA A 63 -18.04 -33.17 -3.37
C ALA A 63 -16.59 -33.23 -3.81
N HIS A 64 -15.82 -32.20 -3.47
CA HIS A 64 -14.46 -32.11 -3.98
C HIS A 64 -13.46 -32.98 -3.24
N ASP A 65 -13.88 -33.70 -2.20
CA ASP A 65 -12.88 -34.33 -1.34
C ASP A 65 -12.34 -35.60 -1.97
N ARG A 66 -13.17 -36.28 -2.73
CA ARG A 66 -12.76 -37.52 -3.37
C ARG A 66 -12.02 -37.28 -4.68
N PHE A 67 -12.07 -36.07 -5.24
CA PHE A 67 -11.38 -35.81 -6.50
C PHE A 67 -9.86 -35.76 -6.34
N GLY A 68 -9.36 -35.63 -5.13
CA GLY A 68 -7.93 -35.72 -4.94
C GLY A 68 -7.43 -37.12 -5.17
N GLY A 69 -8.02 -38.08 -4.45
CA GLY A 69 -7.70 -39.48 -4.70
C GLY A 69 -7.83 -39.84 -6.15
N TYR A 70 -8.80 -39.25 -6.84
CA TYR A 70 -8.96 -39.54 -8.25
C TYR A 70 -7.77 -39.03 -9.03
N ALA A 71 -7.50 -37.72 -8.92
CA ALA A 71 -6.43 -37.12 -9.72
C ALA A 71 -5.06 -37.72 -9.43
N GLN A 72 -4.86 -38.20 -8.19
CA GLN A 72 -3.59 -38.81 -7.80
C GLN A 72 -3.31 -40.08 -8.59
N SER A 73 -4.35 -40.83 -8.93
CA SER A 73 -4.23 -41.98 -9.82
C SER A 73 -4.49 -41.63 -11.27
N GLY A 74 -4.62 -40.33 -11.58
CA GLY A 74 -4.78 -39.89 -12.96
C GLY A 74 -6.05 -40.32 -13.65
N LEU A 75 -7.13 -40.48 -12.90
CA LEU A 75 -8.43 -40.81 -13.47
C LEU A 75 -9.15 -39.59 -14.05
N LEU A 76 -8.73 -38.37 -13.67
CA LEU A 76 -9.40 -37.13 -14.07
C LEU A 76 -8.58 -36.39 -15.11
N ALA A 77 -9.26 -35.69 -16.01
CA ALA A 77 -8.58 -34.84 -16.97
C ALA A 77 -8.39 -33.45 -16.36
N GLU A 78 -7.18 -32.89 -16.54
CA GLU A 78 -6.91 -31.50 -16.18
C GLU A 78 -7.78 -30.58 -17.03
N ILE A 79 -8.56 -29.70 -16.37
CA ILE A 79 -9.46 -28.78 -17.07
C ILE A 79 -8.75 -27.44 -17.29
N THR A 80 -9.03 -26.80 -18.41
CA THR A 80 -8.34 -25.58 -18.84
C THR A 80 -9.36 -24.51 -19.19
N PRO A 81 -10.08 -23.98 -18.20
CA PRO A 81 -10.93 -22.82 -18.48
C PRO A 81 -10.06 -21.61 -18.69
N ASP A 82 -10.52 -20.70 -19.53
CA ASP A 82 -9.73 -19.49 -19.73
C ASP A 82 -10.05 -18.54 -18.58
N LYS A 83 -9.13 -17.61 -18.36
CA LYS A 83 -9.21 -16.82 -17.12
C LYS A 83 -10.42 -15.92 -17.16
N ALA A 84 -11.18 -15.93 -18.24
CA ALA A 84 -12.42 -15.16 -18.30
C ALA A 84 -13.68 -15.93 -17.91
N PHE A 85 -13.73 -17.23 -18.20
CA PHE A 85 -14.74 -18.10 -17.60
C PHE A 85 -14.42 -18.38 -16.15
N GLN A 86 -13.17 -18.25 -15.75
CA GLN A 86 -12.91 -18.43 -14.35
C GLN A 86 -13.52 -17.30 -13.56
N ASP A 87 -13.65 -16.15 -14.19
CA ASP A 87 -14.22 -15.01 -13.50
C ASP A 87 -15.73 -15.13 -13.30
N LYS A 88 -16.42 -16.03 -14.01
CA LYS A 88 -17.86 -16.20 -13.79
C LYS A 88 -18.18 -16.89 -12.46
N LEU A 89 -17.19 -17.47 -11.79
CA LEU A 89 -17.34 -18.10 -10.50
C LEU A 89 -16.49 -17.37 -9.46
N TYR A 90 -17.00 -17.39 -8.23
CA TYR A 90 -16.32 -16.84 -7.07
C TYR A 90 -14.88 -17.32 -6.97
N PRO A 91 -13.91 -16.42 -6.77
CA PRO A 91 -12.49 -16.80 -6.81
C PRO A 91 -12.07 -17.61 -5.63
N PHE A 92 -13.01 -17.71 -4.70
CA PHE A 92 -13.09 -18.67 -3.60
C PHE A 92 -13.09 -20.14 -4.07
N THR A 93 -14.05 -20.50 -4.92
CA THR A 93 -14.39 -21.91 -5.11
C THR A 93 -13.35 -22.69 -5.90
N TRP A 94 -12.54 -22.01 -6.72
CA TRP A 94 -11.50 -22.65 -7.53
C TRP A 94 -10.36 -23.23 -6.71
N ASP A 95 -10.29 -22.95 -5.41
CA ASP A 95 -9.28 -23.60 -4.59
C ASP A 95 -9.63 -25.06 -4.27
N ALA A 96 -10.92 -25.36 -4.07
CA ALA A 96 -11.39 -26.71 -3.70
C ALA A 96 -11.28 -27.73 -4.84
N VAL A 97 -11.02 -27.29 -6.07
CA VAL A 97 -10.87 -28.18 -7.20
C VAL A 97 -9.46 -28.13 -7.78
N ARG A 98 -8.47 -27.75 -6.99
CA ARG A 98 -7.08 -27.58 -7.45
C ARG A 98 -6.21 -28.57 -6.72
N TYR A 99 -5.91 -29.70 -7.36
CA TYR A 99 -5.09 -30.74 -6.76
C TYR A 99 -3.73 -30.75 -7.46
N ASN A 100 -2.68 -30.37 -6.72
CA ASN A 100 -1.31 -30.42 -7.21
C ASN A 100 -1.06 -29.45 -8.37
N GLY A 101 -1.41 -28.19 -8.15
CA GLY A 101 -1.15 -27.15 -9.10
C GLY A 101 -2.05 -27.14 -10.31
N LYS A 102 -2.76 -28.24 -10.58
CA LYS A 102 -3.65 -28.34 -11.72
C LYS A 102 -5.11 -28.25 -11.30
N LEU A 103 -5.93 -27.76 -12.21
CA LEU A 103 -7.39 -27.77 -12.03
C LEU A 103 -7.97 -29.06 -12.60
N ILE A 104 -8.77 -29.76 -11.80
CA ILE A 104 -9.27 -31.07 -12.18
CA ILE A 104 -9.27 -31.09 -12.12
C ILE A 104 -10.79 -31.16 -12.14
N ALA A 105 -11.48 -30.08 -11.80
CA ALA A 105 -12.93 -30.13 -11.81
C ALA A 105 -13.51 -28.73 -11.80
N TYR A 106 -14.80 -28.62 -12.19
CA TYR A 106 -15.59 -27.39 -12.11
C TYR A 106 -16.34 -27.31 -10.77
N PRO A 107 -16.24 -26.19 -10.04
CA PRO A 107 -17.10 -26.01 -8.86
C PRO A 107 -18.51 -25.54 -9.17
N ILE A 108 -19.51 -26.30 -8.69
CA ILE A 108 -20.93 -25.98 -8.89
C ILE A 108 -21.65 -25.21 -7.79
N ALA A 109 -21.47 -25.62 -6.53
CA ALA A 109 -22.10 -24.94 -5.41
C ALA A 109 -21.43 -25.42 -4.13
N VAL A 110 -21.65 -24.67 -3.05
CA VAL A 110 -21.08 -24.98 -1.75
C VAL A 110 -22.16 -25.55 -0.84
N GLU A 111 -21.93 -26.77 -0.36
CA GLU A 111 -22.85 -27.46 0.55
C GLU A 111 -22.39 -27.29 2.00
N ALA A 112 -23.35 -27.19 2.90
CA ALA A 112 -23.08 -27.13 4.33
C ALA A 112 -24.29 -27.65 5.09
N LEU A 113 -24.02 -28.46 6.12
CA LEU A 113 -25.08 -29.01 6.97
C LEU A 113 -25.67 -27.92 7.87
N SER A 114 -26.99 -27.82 7.88
CA SER A 114 -27.71 -26.87 8.72
C SER A 114 -28.71 -27.61 9.58
N LEU A 115 -29.23 -26.90 10.58
CA LEU A 115 -30.30 -27.42 11.43
C LEU A 115 -31.66 -27.04 10.86
N ILE A 116 -32.49 -28.06 10.59
CA ILE A 116 -33.85 -27.88 10.08
C ILE A 116 -34.81 -28.27 11.19
N TYR A 117 -35.75 -27.36 11.49
CA TYR A 117 -36.62 -27.49 12.65
C TYR A 117 -38.05 -27.16 12.29
N ASN A 118 -38.97 -27.94 12.88
CA ASN A 118 -40.40 -27.76 12.72
C ASN A 118 -40.81 -26.48 13.43
N LYS A 119 -41.18 -25.46 12.67
CA LYS A 119 -41.55 -24.21 13.30
C LYS A 119 -42.89 -24.33 14.07
N ASP A 120 -43.80 -25.23 13.63
CA ASP A 120 -45.13 -25.42 14.24
C ASP A 120 -45.04 -26.13 15.57
N LEU A 121 -43.95 -26.79 15.82
CA LEU A 121 -43.71 -27.54 17.04
C LEU A 121 -42.61 -27.01 17.95
N LEU A 122 -41.52 -26.48 17.39
CA LEU A 122 -40.39 -25.99 18.16
C LEU A 122 -40.06 -24.57 17.72
N PRO A 123 -40.89 -23.59 18.09
CA PRO A 123 -40.72 -22.25 17.51
C PRO A 123 -39.37 -21.63 17.80
N ASN A 124 -38.80 -21.92 18.96
CA ASN A 124 -37.47 -21.43 19.33
C ASN A 124 -36.51 -22.60 19.39
N PRO A 125 -35.63 -22.76 18.41
CA PRO A 125 -34.78 -23.94 18.37
C PRO A 125 -33.68 -23.85 19.44
N PRO A 126 -33.12 -24.99 19.86
CA PRO A 126 -32.11 -24.95 20.93
C PRO A 126 -30.80 -24.32 20.46
N LYS A 127 -30.25 -23.43 21.29
CA LYS A 127 -28.95 -22.85 20.98
C LYS A 127 -27.81 -23.83 21.20
N THR A 128 -28.01 -24.82 22.07
CA THR A 128 -26.95 -25.76 22.41
C THR A 128 -27.43 -27.20 22.24
N TRP A 129 -26.45 -28.10 22.17
CA TRP A 129 -26.70 -29.52 22.18
C TRP A 129 -27.07 -30.02 23.58
N GLU A 130 -26.60 -29.30 24.61
CA GLU A 130 -26.81 -29.75 25.98
C GLU A 130 -28.29 -29.91 26.31
N GLU A 131 -29.14 -29.09 25.71
CA GLU A 131 -30.55 -29.01 26.11
C GLU A 131 -31.47 -29.92 25.29
N ILE A 132 -30.93 -30.89 24.57
CA ILE A 132 -31.76 -31.77 23.74
C ILE A 132 -32.24 -32.96 24.56
N PRO A 133 -31.42 -33.60 25.40
CA PRO A 133 -31.97 -34.65 26.28
C PRO A 133 -33.05 -34.14 27.22
N ALA A 134 -33.08 -32.85 27.54
CA ALA A 134 -34.15 -32.22 28.30
C ALA A 134 -35.33 -31.83 27.42
N LEU A 135 -35.06 -31.38 26.18
CA LEU A 135 -36.13 -31.09 25.23
C LEU A 135 -36.84 -32.36 24.78
N ASP A 136 -36.14 -33.49 24.81
CA ASP A 136 -36.70 -34.75 24.37
C ASP A 136 -37.86 -35.19 25.27
N LYS A 137 -37.61 -35.27 26.58
CA LYS A 137 -38.66 -35.66 27.52
CA LYS A 137 -38.66 -35.66 27.52
C LYS A 137 -39.89 -34.77 27.40
N GLU A 138 -39.71 -33.48 27.09
CA GLU A 138 -40.83 -32.56 26.92
C GLU A 138 -41.63 -32.86 25.66
N LEU A 139 -41.03 -33.54 24.69
CA LEU A 139 -41.70 -33.95 23.46
C LEU A 139 -42.00 -35.44 23.45
N LYS A 140 -41.78 -36.14 24.57
CA LYS A 140 -42.26 -37.50 24.77
C LYS A 140 -43.57 -37.55 25.55
N ALA A 141 -44.08 -36.39 26.00
CA ALA A 141 -45.45 -36.22 26.46
C ALA A 141 -46.43 -36.05 25.31
N LYS A 142 -45.93 -35.84 24.09
CA LYS A 142 -46.76 -35.82 22.89
C LYS A 142 -46.68 -37.10 22.08
N GLY A 143 -45.64 -37.93 22.29
CA GLY A 143 -45.30 -39.02 21.40
C GLY A 143 -44.35 -38.65 20.29
N LYS A 144 -43.94 -37.38 20.23
CA LYS A 144 -42.99 -36.90 19.25
C LYS A 144 -41.58 -37.35 19.63
N SER A 145 -40.61 -37.00 18.80
CA SER A 145 -39.21 -37.13 19.17
C SER A 145 -38.63 -35.72 19.25
N ALA A 146 -37.33 -35.64 19.52
CA ALA A 146 -36.65 -34.36 19.61
C ALA A 146 -35.76 -34.10 18.41
N LEU A 147 -34.95 -35.07 18.00
CA LEU A 147 -33.98 -34.89 16.92
C LEU A 147 -33.63 -36.21 16.27
N MET A 148 -33.53 -36.22 14.94
CA MET A 148 -33.21 -37.42 14.18
C MET A 148 -32.47 -37.04 12.90
N PHE A 149 -31.40 -37.78 12.59
CA PHE A 149 -30.56 -37.49 11.44
C PHE A 149 -29.64 -38.66 11.18
N ASN A 150 -29.14 -38.71 9.95
CA ASN A 150 -28.42 -39.87 9.47
C ASN A 150 -27.23 -40.16 10.37
N LEU A 151 -27.25 -41.31 11.03
CA LEU A 151 -26.08 -41.77 11.76
C LEU A 151 -25.28 -42.78 10.97
N GLN A 152 -25.73 -43.19 9.79
CA GLN A 152 -24.95 -44.13 8.97
C GLN A 152 -23.73 -43.44 8.40
N GLU A 153 -23.86 -42.13 8.05
CA GLU A 153 -22.80 -41.41 7.37
C GLU A 153 -22.08 -40.47 8.32
N PRO A 154 -20.75 -40.60 8.45
CA PRO A 154 -20.02 -39.73 9.35
C PRO A 154 -20.07 -38.28 8.93
N TYR A 155 -20.39 -38.00 7.68
CA TYR A 155 -20.60 -36.62 7.27
C TYR A 155 -21.53 -35.88 8.22
N PHE A 156 -22.54 -36.58 8.77
CA PHE A 156 -23.55 -35.91 9.57
C PHE A 156 -23.20 -35.86 11.05
N THR A 157 -22.43 -36.82 11.55
CA THR A 157 -22.05 -36.84 12.95
C THR A 157 -20.80 -36.03 13.23
N TRP A 158 -20.05 -35.64 12.21
CA TRP A 158 -18.79 -34.90 12.37
C TRP A 158 -18.92 -33.48 12.93
N PRO A 159 -19.94 -32.68 12.56
CA PRO A 159 -20.10 -31.36 13.19
C PRO A 159 -20.11 -31.38 14.71
N LEU A 160 -20.57 -32.49 15.32
CA LEU A 160 -20.51 -32.66 16.77
C LEU A 160 -19.19 -33.27 17.23
N ILE A 161 -18.57 -34.10 16.39
CA ILE A 161 -17.26 -34.63 16.70
C ILE A 161 -16.22 -33.52 16.72
N ALA A 162 -16.10 -32.77 15.62
CA ALA A 162 -15.12 -31.71 15.46
C ALA A 162 -15.45 -30.44 16.24
N ALA A 163 -16.58 -30.45 16.97
CA ALA A 163 -17.04 -29.31 17.74
C ALA A 163 -15.95 -28.78 18.67
N ASP A 164 -15.61 -29.58 19.68
CA ASP A 164 -14.73 -29.13 20.75
C ASP A 164 -13.25 -29.27 20.42
N GLY A 165 -12.89 -29.26 19.15
CA GLY A 165 -11.50 -29.26 18.74
C GLY A 165 -11.06 -30.55 18.08
N GLY A 166 -11.96 -31.21 17.36
CA GLY A 166 -11.63 -32.39 16.61
C GLY A 166 -11.32 -32.05 15.16
N TYR A 167 -10.59 -32.94 14.48
CA TYR A 167 -10.12 -32.64 13.13
C TYR A 167 -9.56 -33.85 12.42
N ALA A 168 -9.47 -33.71 11.11
CA ALA A 168 -9.05 -34.82 10.25
C ALA A 168 -7.55 -34.85 10.13
N PHE A 169 -6.97 -33.85 9.54
CA PHE A 169 -5.53 -33.78 9.37
C PHE A 169 -5.07 -32.36 9.67
N LYS A 170 -3.87 -32.22 10.27
CA LYS A 170 -3.35 -30.91 10.64
C LYS A 170 -2.70 -30.25 9.43
N TYR A 171 -3.22 -29.09 9.03
CA TYR A 171 -2.71 -28.35 7.88
C TYR A 171 -1.58 -27.47 8.36
N GLU A 172 -0.36 -28.01 8.35
CA GLU A 172 0.81 -27.31 8.86
C GLU A 172 1.89 -27.29 7.79
N ASN A 173 2.32 -26.08 7.41
CA ASN A 173 3.42 -25.81 6.49
C ASN A 173 3.09 -26.28 5.08
N GLY A 174 2.17 -25.56 4.46
CA GLY A 174 1.82 -25.78 3.08
C GLY A 174 1.10 -27.09 2.76
N LYS A 175 1.22 -28.09 3.62
CA LYS A 175 0.68 -29.44 3.40
C LYS A 175 -0.30 -29.84 4.49
N TYR A 176 -1.22 -30.75 4.15
CA TYR A 176 -1.98 -31.47 5.15
C TYR A 176 -1.06 -32.56 5.70
N ASP A 177 -0.90 -32.60 7.01
CA ASP A 177 -0.01 -33.56 7.65
C ASP A 177 -0.74 -34.89 7.81
N ILE A 178 -0.33 -35.90 7.04
CA ILE A 178 -1.14 -37.11 6.92
C ILE A 178 -1.10 -37.91 8.22
N LYS A 179 0.05 -37.92 8.89
CA LYS A 179 0.28 -38.68 10.11
C LYS A 179 -0.15 -37.93 11.36
N ASP A 180 -0.66 -36.70 11.23
CA ASP A 180 -1.19 -35.96 12.37
C ASP A 180 -2.70 -35.95 12.23
N VAL A 181 -3.36 -36.90 12.90
CA VAL A 181 -4.79 -37.06 12.78
C VAL A 181 -5.43 -36.76 14.12
N GLY A 182 -6.47 -35.95 14.09
CA GLY A 182 -7.10 -35.52 15.32
C GLY A 182 -8.44 -36.17 15.55
N VAL A 183 -8.48 -37.49 15.53
CA VAL A 183 -9.67 -38.25 15.86
C VAL A 183 -9.58 -38.86 17.26
N ASP A 184 -8.55 -38.52 18.05
CA ASP A 184 -8.46 -38.93 19.45
C ASP A 184 -8.41 -37.80 20.46
N ASN A 185 -8.41 -36.55 20.02
CA ASN A 185 -8.18 -35.47 20.95
C ASN A 185 -9.29 -35.45 22.00
N ALA A 186 -9.08 -34.63 23.02
CA ALA A 186 -10.12 -34.46 24.03
C ALA A 186 -11.46 -34.06 23.41
N GLY A 187 -11.45 -33.35 22.28
CA GLY A 187 -12.71 -32.85 21.72
C GLY A 187 -13.52 -33.91 21.02
N ALA A 188 -12.87 -34.67 20.14
CA ALA A 188 -13.57 -35.77 19.49
C ALA A 188 -13.99 -36.83 20.50
N LYS A 189 -13.11 -37.15 21.45
CA LYS A 189 -13.47 -38.09 22.50
CA LYS A 189 -13.45 -38.09 22.52
C LYS A 189 -14.69 -37.63 23.27
N ALA A 190 -14.83 -36.32 23.49
CA ALA A 190 -15.99 -35.74 24.18
C ALA A 190 -17.15 -35.44 23.26
N GLY A 191 -16.92 -35.35 21.95
CA GLY A 191 -17.99 -35.10 21.01
C GLY A 191 -18.76 -36.37 20.69
N LEU A 192 -18.02 -37.45 20.42
CA LEU A 192 -18.66 -38.73 20.18
C LEU A 192 -19.27 -39.30 21.47
N THR A 193 -18.64 -39.01 22.62
CA THR A 193 -19.20 -39.48 23.88
C THR A 193 -20.58 -38.88 24.12
N PHE A 194 -20.76 -37.60 23.79
CA PHE A 194 -22.09 -37.01 23.94
C PHE A 194 -23.07 -37.56 22.93
N LEU A 195 -22.59 -37.95 21.75
CA LEU A 195 -23.46 -38.60 20.78
C LEU A 195 -23.92 -39.96 21.28
N VAL A 196 -22.99 -40.75 21.84
CA VAL A 196 -23.30 -42.06 22.40
C VAL A 196 -24.36 -41.94 23.49
N ASP A 197 -24.16 -41.01 24.43
CA ASP A 197 -25.10 -40.82 25.53
C ASP A 197 -26.51 -40.58 25.02
N LEU A 198 -26.65 -39.87 23.90
CA LEU A 198 -27.99 -39.61 23.38
C LEU A 198 -28.69 -40.89 22.93
N ILE A 199 -27.92 -41.93 22.58
CA ILE A 199 -28.50 -43.16 22.05
C ILE A 199 -28.93 -44.08 23.18
N LYS A 200 -28.04 -44.32 24.15
CA LYS A 200 -28.34 -45.19 25.29
C LYS A 200 -29.33 -44.55 26.27
N ASN A 201 -29.48 -43.23 26.27
CA ASN A 201 -30.61 -42.57 26.92
C ASN A 201 -31.80 -42.43 25.96
N LYS A 202 -31.73 -43.08 24.80
CA LYS A 202 -32.86 -43.24 23.88
C LYS A 202 -33.48 -41.91 23.45
N HIS A 203 -32.62 -40.93 23.21
CA HIS A 203 -33.02 -39.71 22.54
C HIS A 203 -32.80 -39.78 21.03
N MET A 204 -32.07 -40.79 20.56
CA MET A 204 -31.99 -41.16 19.14
C MET A 204 -31.83 -42.67 19.05
N ASN A 205 -31.71 -43.19 17.83
CA ASN A 205 -31.52 -44.62 17.64
C ASN A 205 -30.32 -44.82 16.72
N ALA A 206 -29.39 -45.69 17.14
CA ALA A 206 -28.20 -45.96 16.34
C ALA A 206 -28.52 -46.46 14.94
N ASP A 207 -29.70 -47.04 14.74
CA ASP A 207 -30.07 -47.57 13.43
C ASP A 207 -30.65 -46.53 12.48
N THR A 208 -30.91 -45.31 12.95
CA THR A 208 -31.46 -44.28 12.07
C THR A 208 -30.51 -44.05 10.91
N ASP A 209 -31.09 -43.91 9.70
CA ASP A 209 -30.35 -43.51 8.50
C ASP A 209 -31.07 -42.37 7.79
N TYR A 210 -30.62 -42.05 6.58
CA TYR A 210 -31.21 -40.95 5.80
C TYR A 210 -32.69 -41.18 5.51
N SER A 211 -33.08 -42.45 5.29
CA SER A 211 -34.39 -42.84 4.78
C SER A 211 -35.46 -42.97 5.87
N ILE A 212 -35.10 -42.81 7.14
CA ILE A 212 -36.05 -42.63 8.23
C ILE A 212 -35.86 -41.29 8.95
N ALA A 213 -34.70 -40.64 8.82
CA ALA A 213 -34.50 -39.30 9.38
C ALA A 213 -35.31 -38.25 8.62
N GLU A 214 -35.13 -38.15 7.28
CA GLU A 214 -36.00 -37.26 6.51
C GLU A 214 -37.42 -37.80 6.46
N ALA A 215 -37.55 -39.12 6.44
CA ALA A 215 -38.86 -39.77 6.44
C ALA A 215 -39.54 -39.73 7.80
N ALA A 216 -39.09 -38.88 8.72
CA ALA A 216 -39.78 -38.62 9.97
C ALA A 216 -40.04 -37.16 10.20
N PHE A 217 -39.27 -36.29 9.58
CA PHE A 217 -39.46 -34.87 9.70
C PHE A 217 -40.50 -34.37 8.72
N ASN A 218 -40.62 -35.05 7.59
CA ASN A 218 -41.62 -34.65 6.64
C ASN A 218 -43.01 -35.07 7.07
N LYS A 219 -43.13 -36.03 7.98
CA LYS A 219 -44.44 -36.33 8.57
C LYS A 219 -44.63 -35.73 9.97
N GLY A 220 -43.70 -34.88 10.41
CA GLY A 220 -43.91 -34.21 11.68
C GLY A 220 -43.74 -35.09 12.89
N GLU A 221 -43.17 -36.28 12.71
CA GLU A 221 -42.87 -37.15 13.83
C GLU A 221 -41.67 -36.67 14.64
N THR A 222 -40.82 -35.84 14.07
CA THR A 222 -39.64 -35.35 14.76
C THR A 222 -39.56 -33.83 14.60
N ALA A 223 -38.96 -33.19 15.60
CA ALA A 223 -38.95 -31.72 15.64
C ALA A 223 -37.79 -31.13 14.85
N MET A 224 -36.67 -31.84 14.83
CA MET A 224 -35.45 -31.34 14.21
C MET A 224 -34.72 -32.46 13.47
N THR A 225 -34.06 -32.07 12.38
CA THR A 225 -33.13 -32.92 11.65
C THR A 225 -31.98 -32.07 11.15
N ILE A 226 -30.87 -32.74 10.85
CA ILE A 226 -29.64 -32.12 10.32
C ILE A 226 -29.41 -32.62 8.91
N ASN A 227 -29.50 -31.72 7.95
CA ASN A 227 -29.41 -32.10 6.54
C ASN A 227 -28.92 -30.92 5.72
N GLY A 228 -28.54 -31.22 4.47
CA GLY A 228 -28.11 -30.24 3.50
C GLY A 228 -29.23 -29.70 2.64
N PRO A 229 -28.90 -28.71 1.80
CA PRO A 229 -29.94 -28.00 1.02
C PRO A 229 -30.64 -28.87 0.00
N TRP A 230 -30.19 -30.10 -0.20
CA TRP A 230 -30.87 -30.92 -1.20
C TRP A 230 -32.17 -31.50 -0.69
N ALA A 231 -32.31 -31.59 0.63
CA ALA A 231 -33.52 -32.11 1.27
C ALA A 231 -34.65 -31.10 1.28
N TRP A 232 -34.38 -29.83 0.97
CA TRP A 232 -35.41 -28.80 1.07
C TRP A 232 -36.57 -29.10 0.14
N SER A 233 -36.28 -29.60 -1.07
CA SER A 233 -37.34 -29.78 -2.05
C SER A 233 -38.39 -30.76 -1.53
N ASN A 234 -37.95 -31.90 -1.00
CA ASN A 234 -38.88 -32.85 -0.43
C ASN A 234 -39.65 -32.27 0.74
N ILE A 235 -38.97 -31.48 1.58
CA ILE A 235 -39.65 -30.85 2.70
C ILE A 235 -40.62 -29.79 2.22
N ASP A 236 -40.22 -29.00 1.23
CA ASP A 236 -41.10 -27.97 0.67
C ASP A 236 -42.45 -28.56 0.27
N THR A 237 -42.43 -29.78 -0.28
CA THR A 237 -43.65 -30.42 -0.78
C THR A 237 -44.58 -30.76 0.37
N SER A 238 -44.06 -31.49 1.36
CA SER A 238 -44.84 -31.97 2.50
C SER A 238 -45.58 -30.86 3.25
N LYS A 239 -45.30 -29.59 2.93
CA LYS A 239 -45.97 -28.47 3.58
C LYS A 239 -45.94 -28.62 5.10
N VAL A 240 -44.77 -29.02 5.59
CA VAL A 240 -44.41 -28.90 6.99
C VAL A 240 -43.77 -27.55 7.16
N ASN A 241 -44.36 -26.67 7.95
CA ASN A 241 -43.84 -25.32 8.06
C ASN A 241 -42.55 -25.35 8.86
N TYR A 242 -41.41 -25.23 8.17
CA TYR A 242 -40.08 -25.46 8.75
C TYR A 242 -39.22 -24.20 8.64
N GLY A 243 -38.11 -24.24 9.35
CA GLY A 243 -37.09 -23.21 9.23
C GLY A 243 -35.72 -23.83 9.13
N VAL A 244 -34.78 -23.06 8.58
CA VAL A 244 -33.38 -23.46 8.45
C VAL A 244 -32.54 -22.41 9.17
N THR A 245 -31.79 -22.86 10.18
CA THR A 245 -31.06 -21.99 11.09
C THR A 245 -29.69 -22.58 11.39
N VAL A 246 -28.96 -21.90 12.25
CA VAL A 246 -27.60 -22.28 12.59
C VAL A 246 -27.63 -23.43 13.59
N LEU A 247 -26.68 -24.35 13.46
CA LEU A 247 -26.51 -25.54 14.27
C LEU A 247 -26.35 -25.19 15.75
N PRO A 248 -26.66 -26.13 16.64
CA PRO A 248 -26.44 -25.89 18.06
C PRO A 248 -24.97 -25.93 18.42
N THR A 249 -24.59 -25.08 19.38
CA THR A 249 -23.23 -25.06 19.91
C THR A 249 -23.03 -26.21 20.88
N PHE A 250 -21.79 -26.67 21.01
CA PHE A 250 -21.48 -27.79 21.90
C PHE A 250 -20.35 -27.38 22.84
N LYS A 251 -20.69 -27.14 24.10
CA LYS A 251 -19.73 -26.70 25.10
C LYS A 251 -19.06 -25.41 24.64
N GLY A 252 -19.89 -24.41 24.41
CA GLY A 252 -19.39 -23.12 23.97
C GLY A 252 -19.00 -23.03 22.51
N GLN A 253 -18.22 -23.99 22.03
CA GLN A 253 -17.79 -23.96 20.64
C GLN A 253 -18.97 -24.20 19.70
N PRO A 254 -18.99 -23.56 18.54
CA PRO A 254 -20.04 -23.87 17.56
C PRO A 254 -19.74 -25.17 16.83
N SER A 255 -20.82 -25.82 16.38
CA SER A 255 -20.71 -27.04 15.59
C SER A 255 -20.00 -26.73 14.28
N LYS A 256 -18.94 -27.47 14.00
CA LYS A 256 -18.04 -27.22 12.88
C LYS A 256 -18.18 -28.32 11.84
N PRO A 257 -19.16 -28.23 10.92
CA PRO A 257 -19.29 -29.26 9.89
C PRO A 257 -18.11 -29.19 8.95
N PHE A 258 -17.89 -30.29 8.21
CA PHE A 258 -16.97 -30.24 7.08
C PHE A 258 -17.76 -29.79 5.86
N VAL A 259 -17.20 -28.80 5.15
CA VAL A 259 -17.82 -28.18 3.99
C VAL A 259 -17.27 -28.84 2.74
N GLY A 260 -18.16 -29.21 1.84
CA GLY A 260 -17.77 -29.67 0.52
C GLY A 260 -18.33 -28.73 -0.53
N VAL A 261 -17.64 -28.67 -1.67
CA VAL A 261 -18.19 -28.04 -2.86
C VAL A 261 -18.55 -29.15 -3.85
N LEU A 262 -19.81 -29.14 -4.29
CA LEU A 262 -20.22 -29.95 -5.41
C LEU A 262 -19.39 -29.56 -6.60
N SER A 263 -18.69 -30.53 -7.17
CA SER A 263 -17.79 -30.30 -8.29
C SER A 263 -18.00 -31.30 -9.41
N ALA A 264 -17.85 -30.84 -10.65
CA ALA A 264 -17.94 -31.71 -11.81
C ALA A 264 -16.54 -31.97 -12.36
N GLY A 265 -16.13 -33.25 -12.33
CA GLY A 265 -14.90 -33.69 -12.94
C GLY A 265 -15.10 -34.50 -14.22
N ILE A 266 -14.07 -34.53 -15.07
CA ILE A 266 -14.14 -35.18 -16.37
C ILE A 266 -13.22 -36.37 -16.38
N ASN A 267 -13.73 -37.50 -16.82
CA ASN A 267 -12.93 -38.71 -16.86
C ASN A 267 -11.75 -38.50 -17.77
N ALA A 268 -10.57 -38.94 -17.33
CA ALA A 268 -9.39 -38.85 -18.17
C ALA A 268 -9.48 -39.75 -19.39
N ALA A 269 -10.26 -40.83 -19.30
CA ALA A 269 -10.38 -41.84 -20.34
C ALA A 269 -11.52 -41.55 -21.30
N SER A 270 -12.14 -40.42 -21.18
CA SER A 270 -13.26 -40.19 -22.07
C SER A 270 -12.76 -39.76 -23.46
N PRO A 271 -13.39 -40.26 -24.52
CA PRO A 271 -13.10 -39.71 -25.85
C PRO A 271 -13.84 -38.41 -26.10
N ASN A 272 -14.85 -38.10 -25.27
CA ASN A 272 -15.71 -36.92 -25.40
C ASN A 272 -15.30 -35.73 -24.53
N LYS A 273 -14.00 -35.50 -24.33
CA LYS A 273 -13.63 -34.47 -23.38
C LYS A 273 -14.13 -33.07 -23.76
N GLU A 274 -13.91 -32.65 -25.01
CA GLU A 274 -14.32 -31.29 -25.40
C GLU A 274 -15.82 -31.15 -25.40
N LEU A 275 -16.52 -32.18 -25.84
CA LEU A 275 -17.96 -32.22 -25.64
C LEU A 275 -18.32 -32.02 -24.18
N ALA A 276 -17.53 -32.60 -23.27
CA ALA A 276 -17.90 -32.56 -21.86
C ALA A 276 -17.64 -31.19 -21.25
N LYS A 277 -16.63 -30.49 -21.77
CA LYS A 277 -16.33 -29.14 -21.33
C LYS A 277 -17.27 -28.12 -21.97
N GLU A 278 -17.77 -28.38 -23.18
CA GLU A 278 -18.84 -27.55 -23.72
C GLU A 278 -20.07 -27.59 -22.83
N PHE A 279 -20.48 -28.80 -22.41
CA PHE A 279 -21.68 -28.94 -21.59
C PHE A 279 -21.55 -28.19 -20.28
N LEU A 280 -20.45 -28.41 -19.58
CA LEU A 280 -20.27 -27.75 -18.29
C LEU A 280 -20.13 -26.23 -18.45
N GLU A 281 -19.28 -25.78 -19.37
CA GLU A 281 -18.95 -24.37 -19.44
C GLU A 281 -20.01 -23.54 -20.09
N ASN A 282 -20.67 -24.08 -21.10
CA ASN A 282 -21.65 -23.33 -21.83
C ASN A 282 -23.03 -23.57 -21.32
N TYR A 283 -23.39 -24.79 -20.94
CA TYR A 283 -24.78 -25.07 -20.53
C TYR A 283 -25.13 -25.23 -19.09
N LEU A 284 -24.29 -25.89 -18.31
CA LEU A 284 -24.61 -26.13 -16.90
C LEU A 284 -24.29 -24.96 -15.98
N LEU A 285 -23.06 -24.45 -16.04
CA LEU A 285 -22.71 -23.31 -15.26
C LEU A 285 -23.18 -22.06 -15.98
N THR A 286 -24.49 -21.92 -16.08
CA THR A 286 -25.14 -20.73 -16.60
C THR A 286 -26.32 -20.46 -15.68
N ASP A 287 -27.07 -19.40 -15.99
CA ASP A 287 -28.27 -19.11 -15.22
C ASP A 287 -29.36 -20.13 -15.51
N GLU A 288 -29.85 -20.14 -16.76
CA GLU A 288 -30.83 -21.13 -17.22
C GLU A 288 -30.38 -22.55 -16.90
N GLY A 289 -29.08 -22.77 -16.82
CA GLY A 289 -28.60 -24.08 -16.49
C GLY A 289 -28.86 -24.42 -15.03
N LEU A 290 -28.16 -23.75 -14.11
CA LEU A 290 -28.23 -24.13 -12.70
C LEU A 290 -29.65 -24.03 -12.17
N GLU A 291 -30.41 -23.06 -12.69
CA GLU A 291 -31.81 -22.92 -12.30
C GLU A 291 -32.57 -24.21 -12.55
N ALA A 292 -32.28 -24.88 -13.65
CA ALA A 292 -32.89 -26.18 -13.89
C ALA A 292 -32.54 -27.16 -12.78
N VAL A 293 -31.29 -27.20 -12.37
CA VAL A 293 -30.89 -28.13 -11.33
C VAL A 293 -31.50 -27.73 -10.01
N ASN A 294 -31.42 -26.43 -9.69
CA ASN A 294 -31.78 -25.93 -8.37
C ASN A 294 -33.27 -26.15 -8.07
N LYS A 295 -34.10 -26.15 -9.10
CA LYS A 295 -35.54 -26.38 -8.99
C LYS A 295 -35.89 -27.85 -8.79
N ASP A 296 -35.02 -28.77 -9.20
CA ASP A 296 -35.22 -30.17 -8.89
C ASP A 296 -34.86 -30.45 -7.44
N LYS A 297 -33.60 -30.22 -7.08
CA LYS A 297 -33.15 -30.26 -5.70
C LYS A 297 -32.09 -29.17 -5.48
N PRO A 298 -32.36 -28.21 -4.57
CA PRO A 298 -31.51 -27.02 -4.43
C PRO A 298 -30.05 -27.36 -4.22
N LEU A 299 -29.17 -26.48 -4.70
CA LEU A 299 -27.75 -26.77 -4.67
C LEU A 299 -27.02 -26.11 -3.51
N GLY A 300 -27.65 -25.19 -2.78
CA GLY A 300 -26.94 -24.40 -1.79
C GLY A 300 -26.44 -23.09 -2.38
N ALA A 301 -25.27 -22.65 -1.92
CA ALA A 301 -24.64 -21.42 -2.42
C ALA A 301 -23.91 -21.73 -3.73
N VAL A 302 -24.51 -21.36 -4.87
CA VAL A 302 -23.93 -21.77 -6.15
C VAL A 302 -22.63 -21.01 -6.37
N ALA A 303 -21.73 -21.61 -7.13
CA ALA A 303 -20.45 -20.97 -7.39
C ALA A 303 -20.53 -19.97 -8.53
N LEU A 304 -21.60 -19.96 -9.28
CA LEU A 304 -21.68 -19.00 -10.38
C LEU A 304 -21.99 -17.63 -9.80
N LYS A 305 -21.05 -16.70 -9.96
CA LYS A 305 -21.23 -15.31 -9.55
C LYS A 305 -22.63 -14.83 -9.92
N SER A 306 -23.03 -15.10 -11.16
CA SER A 306 -24.26 -14.56 -11.72
C SER A 306 -25.48 -15.01 -10.93
N TYR A 307 -25.77 -16.31 -11.00
CA TYR A 307 -26.97 -16.89 -10.40
C TYR A 307 -26.92 -16.89 -8.88
N GLU A 308 -25.77 -16.67 -8.26
CA GLU A 308 -25.77 -16.54 -6.81
C GLU A 308 -26.56 -15.31 -6.38
N GLU A 309 -26.40 -14.21 -7.09
CA GLU A 309 -27.05 -12.98 -6.65
C GLU A 309 -28.55 -13.14 -6.66
N GLU A 310 -29.08 -13.86 -7.63
CA GLU A 310 -30.52 -14.00 -7.72
C GLU A 310 -31.11 -14.81 -6.57
N LEU A 311 -30.34 -15.73 -5.98
CA LEU A 311 -30.80 -16.54 -4.85
C LEU A 311 -30.43 -15.94 -3.50
N ALA A 312 -29.89 -14.72 -3.50
CA ALA A 312 -29.41 -14.09 -2.27
C ALA A 312 -30.53 -13.89 -1.26
N LYS A 313 -31.66 -13.35 -1.71
CA LYS A 313 -32.80 -13.08 -0.86
C LYS A 313 -33.10 -14.26 0.09
N ASP A 314 -32.86 -15.48 -0.37
CA ASP A 314 -33.23 -16.73 0.29
C ASP A 314 -32.66 -16.85 1.70
N PRO A 315 -33.48 -16.77 2.75
CA PRO A 315 -32.96 -16.97 4.10
C PRO A 315 -32.45 -18.38 4.33
N ARG A 316 -32.70 -19.31 3.39
CA ARG A 316 -32.22 -20.67 3.58
C ARG A 316 -30.78 -20.83 3.12
N ILE A 317 -30.35 -20.04 2.12
CA ILE A 317 -28.94 -20.06 1.71
C ILE A 317 -28.07 -19.42 2.79
N ALA A 318 -28.57 -18.35 3.42
CA ALA A 318 -27.82 -17.66 4.48
C ALA A 318 -27.49 -18.61 5.61
N ALA A 319 -28.48 -19.38 6.07
CA ALA A 319 -28.21 -20.37 7.12
C ALA A 319 -27.21 -21.39 6.64
N THR A 320 -27.25 -21.74 5.35
CA THR A 320 -26.28 -22.67 4.80
C THR A 320 -24.88 -22.11 4.90
N MET A 321 -24.70 -20.87 4.46
CA MET A 321 -23.39 -20.24 4.49
C MET A 321 -22.98 -19.82 5.89
N GLU A 322 -23.92 -19.28 6.68
CA GLU A 322 -23.61 -18.92 8.06
C GLU A 322 -23.11 -20.14 8.83
N ASN A 323 -23.58 -21.33 8.48
CA ASN A 323 -23.13 -22.55 9.13
C ASN A 323 -21.87 -23.10 8.49
N ALA A 324 -21.62 -22.81 7.21
CA ALA A 324 -20.35 -23.19 6.62
C ALA A 324 -19.20 -22.41 7.23
N GLN A 325 -19.43 -21.14 7.54
CA GLN A 325 -18.39 -20.27 8.08
C GLN A 325 -17.85 -20.75 9.42
N LYS A 326 -18.61 -21.57 10.17
CA LYS A 326 -18.06 -22.32 11.29
C LYS A 326 -17.51 -23.65 10.76
N GLY A 327 -16.29 -24.00 11.17
CA GLY A 327 -15.68 -25.22 10.64
C GLY A 327 -15.11 -25.07 9.25
N GLU A 328 -14.09 -25.88 8.92
CA GLU A 328 -13.27 -25.69 7.73
C GLU A 328 -13.73 -26.60 6.59
N ILE A 329 -13.08 -26.43 5.48
CA ILE A 329 -13.46 -27.09 4.24
C ILE A 329 -12.65 -28.38 4.11
N MET A 330 -13.25 -29.37 3.44
CA MET A 330 -12.72 -30.72 3.33
C MET A 330 -11.37 -30.74 2.65
N PRO A 331 -10.36 -31.32 3.26
CA PRO A 331 -9.14 -31.57 2.51
C PRO A 331 -9.50 -32.49 1.36
N ASN A 332 -8.70 -32.44 0.28
CA ASN A 332 -8.98 -33.33 -0.84
C ASN A 332 -7.89 -34.38 -1.00
N ILE A 333 -7.08 -34.61 0.04
CA ILE A 333 -5.88 -35.46 -0.07
C ILE A 333 -6.33 -36.88 -0.35
N PRO A 334 -5.51 -37.71 -0.99
CA PRO A 334 -5.95 -39.07 -1.32
C PRO A 334 -6.39 -39.87 -0.11
N GLN A 335 -6.03 -39.43 1.11
CA GLN A 335 -6.33 -40.18 2.31
C GLN A 335 -7.73 -39.93 2.86
N MET A 336 -8.45 -38.96 2.32
CA MET A 336 -9.85 -38.80 2.71
C MET A 336 -10.65 -40.07 2.48
N SER A 337 -10.32 -40.82 1.44
CA SER A 337 -10.99 -42.08 1.16
C SER A 337 -10.96 -42.98 2.39
N ALA A 338 -9.77 -43.24 2.89
CA ALA A 338 -9.60 -44.04 4.09
C ALA A 338 -9.98 -43.28 5.36
N PHE A 339 -10.11 -41.96 5.29
CA PHE A 339 -10.51 -41.20 6.48
C PHE A 339 -11.96 -41.43 6.83
N TRP A 340 -12.84 -41.28 5.85
CA TRP A 340 -14.25 -41.47 6.12
C TRP A 340 -14.57 -42.91 6.50
N TYR A 341 -13.91 -43.87 5.83
CA TYR A 341 -14.10 -45.26 6.22
C TYR A 341 -13.68 -45.49 7.67
N ALA A 342 -12.63 -44.83 8.13
CA ALA A 342 -12.24 -45.00 9.52
C ALA A 342 -13.23 -44.40 10.50
N VAL A 343 -14.02 -43.41 10.09
CA VAL A 343 -14.84 -42.64 11.04
C VAL A 343 -16.23 -43.24 11.16
N ARG A 344 -16.80 -43.67 10.04
CA ARG A 344 -18.10 -44.32 10.09
C ARG A 344 -18.02 -45.64 10.82
N THR A 345 -16.84 -46.27 10.85
CA THR A 345 -16.66 -47.50 11.63
C THR A 345 -16.48 -47.19 13.11
N ALA A 346 -15.80 -46.11 13.47
CA ALA A 346 -15.71 -45.74 14.87
C ALA A 346 -17.01 -45.16 15.41
N VAL A 347 -17.80 -44.48 14.59
CA VAL A 347 -19.09 -43.98 15.06
C VAL A 347 -20.07 -45.13 15.23
N ILE A 348 -20.12 -46.03 14.24
CA ILE A 348 -21.04 -47.16 14.29
C ILE A 348 -20.71 -48.07 15.47
N ASN A 349 -19.42 -48.40 15.65
CA ASN A 349 -19.03 -49.26 16.76
C ASN A 349 -19.32 -48.63 18.12
N ALA A 350 -19.35 -47.31 18.22
CA ALA A 350 -19.65 -46.66 19.48
C ALA A 350 -21.12 -46.34 19.65
N ALA A 351 -21.89 -46.28 18.57
CA ALA A 351 -23.33 -46.09 18.62
C ALA A 351 -24.05 -47.36 18.98
N SER A 352 -23.34 -48.46 18.90
CA SER A 352 -23.90 -49.80 18.92
C SER A 352 -23.58 -50.59 20.19
N GLY A 353 -22.55 -50.17 20.92
CA GLY A 353 -22.12 -50.76 22.15
C GLY A 353 -20.99 -51.74 22.02
N ARG A 354 -20.26 -51.72 20.92
CA ARG A 354 -19.24 -52.74 20.68
C ARG A 354 -17.92 -52.39 21.32
N GLN A 355 -17.46 -51.17 21.07
CA GLN A 355 -16.36 -50.54 21.79
C GLN A 355 -16.92 -49.25 22.41
N THR A 356 -16.26 -48.75 23.43
CA THR A 356 -16.65 -47.45 23.95
C THR A 356 -16.01 -46.39 23.07
N VAL A 357 -16.04 -45.15 23.53
CA VAL A 357 -15.49 -44.06 22.74
C VAL A 357 -13.96 -44.17 22.64
N ASP A 358 -13.26 -44.27 23.77
CA ASP A 358 -11.80 -44.31 23.74
C ASP A 358 -11.30 -45.46 22.88
N GLU A 359 -12.02 -46.59 22.91
CA GLU A 359 -11.62 -47.77 22.17
C GLU A 359 -11.90 -47.65 20.67
N ALA A 360 -12.96 -46.90 20.31
CA ALA A 360 -13.35 -46.78 18.91
C ALA A 360 -12.46 -45.83 18.13
N LEU A 361 -12.02 -44.73 18.76
CA LEU A 361 -11.17 -43.75 18.10
C LEU A 361 -9.71 -44.18 18.05
N LYS A 362 -9.21 -44.89 19.07
CA LYS A 362 -7.83 -45.36 19.05
C LYS A 362 -7.57 -46.29 17.88
N ASP A 363 -8.58 -47.06 17.47
CA ASP A 363 -8.51 -47.86 16.25
C ASP A 363 -8.32 -46.97 15.03
N ALA A 364 -9.22 -45.98 14.88
CA ALA A 364 -9.26 -45.15 13.70
C ALA A 364 -7.93 -44.43 13.43
N GLN A 365 -7.15 -44.11 14.48
CA GLN A 365 -5.87 -43.46 14.26
C GLN A 365 -4.79 -44.36 13.73
N THR A 366 -4.96 -45.67 13.84
CA THR A 366 -3.89 -46.53 13.33
C THR A 366 -3.99 -46.58 11.81
N ASN A 367 -4.51 -45.48 11.26
CA ASN A 367 -4.58 -45.15 9.85
C ASN A 367 -5.65 -46.07 9.23
N VAL B 2 20.17 19.88 -30.87
CA VAL B 2 20.05 19.57 -29.44
C VAL B 2 18.73 18.86 -29.04
N GLN B 3 18.81 17.75 -28.32
CA GLN B 3 17.59 17.03 -27.98
C GLN B 3 17.89 15.91 -27.00
N LEU B 4 16.90 15.61 -26.18
CA LEU B 4 16.97 14.53 -25.22
C LEU B 4 16.05 13.42 -25.70
N LYS B 5 16.57 12.19 -25.72
CA LYS B 5 15.86 11.05 -26.28
C LYS B 5 15.67 9.98 -25.20
N GLU B 6 14.42 9.75 -24.82
CA GLU B 6 14.09 8.85 -23.73
C GLU B 6 13.80 7.46 -24.25
N SER B 7 14.07 6.47 -23.41
CA SER B 7 13.83 5.10 -23.82
C SER B 7 12.35 4.89 -24.17
N GLY B 8 12.10 3.72 -24.79
CA GLY B 8 10.79 3.39 -25.28
C GLY B 8 9.85 3.02 -24.15
N PRO B 9 8.57 2.79 -24.50
CA PRO B 9 7.57 2.59 -23.46
C PRO B 9 7.73 1.24 -22.78
N GLU B 10 7.27 1.17 -21.54
CA GLU B 10 7.29 -0.06 -20.77
C GLU B 10 5.90 -0.44 -20.28
N LEU B 11 5.77 -1.71 -19.92
CA LEU B 11 4.58 -2.25 -19.27
C LEU B 11 5.04 -3.35 -18.35
N VAL B 12 4.95 -3.12 -17.04
CA VAL B 12 5.45 -4.08 -16.06
C VAL B 12 4.37 -4.44 -15.06
N LYS B 13 4.50 -5.65 -14.50
CA LYS B 13 3.59 -6.14 -13.47
C LYS B 13 3.95 -5.53 -12.12
N PRO B 14 2.98 -5.39 -11.22
CA PRO B 14 3.25 -4.72 -9.96
C PRO B 14 4.31 -5.45 -9.14
N GLY B 15 5.17 -4.66 -8.53
CA GLY B 15 6.20 -5.21 -7.69
C GLY B 15 7.51 -5.38 -8.40
N ALA B 16 7.53 -5.19 -9.72
CA ALA B 16 8.73 -5.41 -10.50
C ALA B 16 9.43 -4.08 -10.78
N SER B 17 10.48 -4.16 -11.60
CA SER B 17 11.45 -3.09 -11.79
C SER B 17 11.32 -2.42 -13.14
N VAL B 18 11.66 -1.12 -13.19
CA VAL B 18 11.82 -0.39 -14.44
C VAL B 18 13.03 0.51 -14.34
N LYS B 19 13.89 0.50 -15.35
CA LYS B 19 14.95 1.50 -15.46
C LYS B 19 14.84 2.10 -16.85
N MET B 20 14.68 3.41 -16.93
CA MET B 20 14.55 4.07 -18.22
C MET B 20 15.76 4.99 -18.45
N SER B 21 15.96 5.34 -19.71
CA SER B 21 17.14 6.06 -20.17
C SER B 21 16.76 7.38 -20.85
N CYS B 22 17.77 8.25 -20.95
CA CYS B 22 17.66 9.63 -21.45
C CYS B 22 19.02 9.95 -22.05
N LYS B 23 19.09 9.99 -23.39
CA LYS B 23 20.34 10.14 -24.15
C LYS B 23 20.48 11.57 -24.66
N ALA B 24 21.34 12.33 -24.00
CA ALA B 24 21.58 13.71 -24.38
C ALA B 24 22.33 13.87 -25.70
N SER B 25 21.98 14.91 -26.44
CA SER B 25 22.55 15.13 -27.76
C SER B 25 22.50 16.60 -28.16
N GLY B 26 23.64 17.20 -28.49
CA GLY B 26 23.64 18.55 -29.03
C GLY B 26 24.29 19.60 -28.14
N TYR B 27 24.58 19.28 -26.88
CA TYR B 27 25.27 20.21 -25.99
C TYR B 27 26.32 19.41 -25.24
N THR B 28 26.92 19.98 -24.21
CA THR B 28 27.92 19.22 -23.47
C THR B 28 27.26 18.58 -22.24
N PHE B 29 26.84 17.31 -22.41
CA PHE B 29 26.02 16.61 -21.41
C PHE B 29 26.55 16.76 -19.98
N THR B 30 27.88 16.75 -19.80
CA THR B 30 28.41 16.61 -18.44
C THR B 30 28.41 17.90 -17.64
N SER B 31 28.04 19.03 -18.26
CA SER B 31 28.07 20.35 -17.64
C SER B 31 26.69 20.94 -17.38
N TYR B 32 25.63 20.13 -17.40
CA TYR B 32 24.29 20.65 -17.25
C TYR B 32 23.45 19.52 -16.67
N VAL B 33 22.59 19.84 -15.71
CA VAL B 33 21.90 18.85 -14.89
C VAL B 33 20.62 18.34 -15.56
N ILE B 34 20.26 17.08 -15.27
CA ILE B 34 19.10 16.43 -15.89
C ILE B 34 18.02 16.12 -14.85
N HIS B 35 17.04 17.01 -14.69
CA HIS B 35 15.88 16.76 -13.81
C HIS B 35 14.98 15.66 -14.37
N TRP B 36 14.10 15.14 -13.51
CA TRP B 36 13.18 14.09 -13.90
C TRP B 36 11.81 14.45 -13.38
N VAL B 37 10.81 14.36 -14.22
CA VAL B 37 9.47 14.77 -13.82
C VAL B 37 8.45 13.68 -14.16
N LYS B 38 7.57 13.40 -13.21
CA LYS B 38 6.45 12.50 -13.34
C LYS B 38 5.17 13.28 -13.71
N GLN B 39 4.29 12.64 -14.51
CA GLN B 39 3.01 13.22 -14.97
C GLN B 39 1.99 12.09 -15.12
N ARG B 40 1.05 12.03 -14.20
CA ARG B 40 0.00 11.01 -14.22
C ARG B 40 -1.16 11.49 -15.08
N PRO B 41 -1.78 10.56 -15.82
CA PRO B 41 -2.85 10.95 -16.76
C PRO B 41 -3.85 11.57 -15.81
N GLY B 42 -4.19 12.83 -16.05
CA GLY B 42 -5.15 13.47 -15.19
C GLY B 42 -4.93 14.57 -14.17
N GLN B 43 -3.69 14.73 -13.73
CA GLN B 43 -3.37 15.67 -12.66
C GLN B 43 -2.04 16.26 -13.10
N GLY B 44 -1.52 17.19 -12.29
CA GLY B 44 -0.37 17.97 -12.68
C GLY B 44 0.93 17.18 -12.63
N LEU B 45 2.01 17.89 -12.94
CA LEU B 45 3.36 17.38 -12.90
C LEU B 45 3.90 17.32 -11.48
N GLU B 46 4.97 16.55 -11.33
CA GLU B 46 5.55 16.25 -10.03
C GLU B 46 7.03 16.08 -10.26
N TRP B 47 7.86 16.71 -9.43
CA TRP B 47 9.30 16.67 -9.66
C TRP B 47 9.95 15.56 -8.84
N ILE B 48 10.87 14.83 -9.47
CA ILE B 48 11.43 13.63 -8.84
C ILE B 48 12.82 13.91 -8.29
N GLY B 49 13.73 14.36 -9.13
CA GLY B 49 15.12 14.45 -8.72
C GLY B 49 15.94 15.12 -9.79
N TYR B 50 17.26 15.11 -9.62
CA TYR B 50 17.99 16.00 -10.52
C TYR B 50 19.16 15.09 -10.18
N ILE B 51 20.09 14.84 -11.09
CA ILE B 51 21.37 14.15 -10.79
C ILE B 51 22.23 14.81 -11.88
N ASN B 52 23.36 15.49 -11.50
CA ASN B 52 24.14 16.33 -12.42
C ASN B 52 25.29 15.40 -12.86
N PRO B 53 25.50 15.16 -14.16
CA PRO B 53 26.38 14.07 -14.57
C PRO B 53 27.87 14.35 -14.45
N TYR B 54 28.20 15.15 -13.47
CA TYR B 54 29.58 15.44 -13.14
C TYR B 54 30.12 14.78 -11.90
N ASN B 55 29.35 14.78 -10.80
CA ASN B 55 29.83 14.12 -9.61
C ASN B 55 29.64 12.58 -9.53
N ASP B 56 28.43 12.05 -9.50
CA ASP B 56 27.24 12.79 -9.66
C ASP B 56 26.27 12.60 -8.49
N GLY B 57 26.04 13.69 -7.77
CA GLY B 57 25.11 13.72 -6.66
C GLY B 57 23.68 14.09 -7.03
N SER B 58 22.78 13.81 -6.11
CA SER B 58 21.36 13.88 -6.47
C SER B 58 20.45 14.23 -5.31
N LYS B 59 19.60 15.24 -5.48
CA LYS B 59 18.49 15.46 -4.57
C LYS B 59 17.27 14.72 -5.13
N TYR B 60 16.56 14.05 -4.24
CA TYR B 60 15.26 13.48 -4.55
C TYR B 60 14.19 14.26 -3.80
N ASN B 61 13.01 14.33 -4.40
CA ASN B 61 11.86 14.78 -3.66
C ASN B 61 11.48 13.72 -2.63
N GLU B 62 11.24 14.14 -1.39
CA GLU B 62 11.10 13.17 -0.29
C GLU B 62 9.95 12.20 -0.51
N LYS B 63 9.04 12.49 -1.42
CA LYS B 63 7.99 11.54 -1.70
C LYS B 63 8.53 10.32 -2.43
N PHE B 64 9.60 10.53 -3.21
CA PHE B 64 10.17 9.51 -4.08
C PHE B 64 11.42 8.85 -3.48
N LYS B 65 11.95 9.37 -2.38
CA LYS B 65 13.33 9.05 -2.04
C LYS B 65 13.54 7.55 -1.83
N GLY B 66 12.50 6.81 -1.45
CA GLY B 66 12.65 5.37 -1.41
C GLY B 66 12.51 4.61 -2.74
N LYS B 67 12.15 5.27 -3.84
CA LYS B 67 11.89 4.58 -5.11
C LYS B 67 12.91 4.94 -6.18
N ALA B 68 12.75 6.15 -6.73
CA ALA B 68 13.63 6.65 -7.75
C ALA B 68 15.11 6.56 -7.35
N THR B 69 15.89 6.02 -8.28
CA THR B 69 17.33 6.01 -8.23
C THR B 69 17.85 6.61 -9.54
N LEU B 70 18.73 7.59 -9.42
CA LEU B 70 19.22 8.32 -10.58
C LEU B 70 20.71 8.04 -10.81
N THR B 71 21.04 7.59 -12.01
CA THR B 71 22.43 7.34 -12.41
C THR B 71 22.68 7.96 -13.77
N SER B 72 23.97 8.09 -14.13
CA SER B 72 24.34 8.57 -15.45
C SER B 72 25.72 8.05 -15.84
N ASP B 73 25.95 7.90 -17.14
CA ASP B 73 27.24 7.48 -17.70
C ASP B 73 27.72 8.61 -18.61
N LYS B 74 28.73 9.35 -18.15
CA LYS B 74 29.26 10.49 -18.90
C LYS B 74 29.81 10.09 -20.26
N SER B 75 30.11 8.80 -20.45
CA SER B 75 30.72 8.31 -21.68
C SER B 75 29.71 8.29 -22.82
N SER B 76 28.52 7.76 -22.56
CA SER B 76 27.47 7.62 -23.56
C SER B 76 26.40 8.71 -23.47
N SER B 77 26.67 9.83 -22.77
CA SER B 77 25.76 10.99 -22.67
C SER B 77 24.32 10.58 -22.28
N THR B 78 24.20 9.67 -21.32
CA THR B 78 22.91 9.16 -20.89
C THR B 78 22.73 9.29 -19.39
N ALA B 79 21.54 9.73 -19.01
CA ALA B 79 21.05 9.65 -17.65
C ALA B 79 19.94 8.62 -17.57
N TYR B 80 19.87 7.96 -16.42
CA TYR B 80 19.00 6.81 -16.20
C TYR B 80 18.15 7.05 -14.97
N MET B 81 16.97 6.44 -14.93
CA MET B 81 16.11 6.51 -13.75
C MET B 81 15.45 5.16 -13.55
N ASP B 82 15.65 4.58 -12.38
CA ASP B 82 15.22 3.24 -12.02
C ASP B 82 14.20 3.39 -10.90
N LEU B 83 12.99 2.86 -11.09
CA LEU B 83 11.85 3.14 -10.20
C LEU B 83 11.36 1.88 -9.52
N SER B 84 11.78 1.58 -8.30
CA SER B 84 11.41 0.28 -7.73
C SER B 84 11.12 0.32 -6.27
N SER B 85 10.17 -0.50 -5.81
CA SER B 85 9.41 -1.43 -6.64
C SER B 85 8.08 -0.85 -7.08
N LEU B 86 7.68 -1.18 -8.29
CA LEU B 86 6.54 -0.51 -8.91
C LEU B 86 5.24 -0.87 -8.22
N THR B 87 4.36 0.11 -8.10
CA THR B 87 2.97 -0.10 -7.77
C THR B 87 2.17 0.45 -8.96
N SER B 88 0.85 0.55 -8.83
CA SER B 88 0.06 1.01 -9.96
C SER B 88 -0.14 2.52 -10.00
N GLU B 89 0.16 3.21 -8.90
CA GLU B 89 0.21 4.67 -8.82
C GLU B 89 1.40 5.24 -9.60
N ASP B 90 2.40 4.42 -9.89
CA ASP B 90 3.50 4.81 -10.76
C ASP B 90 3.15 4.72 -12.24
N SER B 91 1.90 4.39 -12.58
CA SER B 91 1.46 4.40 -13.98
C SER B 91 1.44 5.86 -14.44
N ALA B 92 2.45 6.26 -15.20
CA ALA B 92 2.57 7.66 -15.64
C ALA B 92 3.55 7.78 -16.79
N VAL B 93 3.55 8.96 -17.37
CA VAL B 93 4.58 9.40 -18.30
C VAL B 93 5.66 10.06 -17.47
N TYR B 94 6.92 9.79 -17.82
CA TYR B 94 8.07 10.35 -17.13
C TYR B 94 8.90 11.17 -18.12
N TYR B 95 9.48 12.26 -17.65
CA TYR B 95 10.30 13.13 -18.47
C TYR B 95 11.66 13.36 -17.84
N CYS B 96 12.61 13.68 -18.72
CA CYS B 96 13.89 14.26 -18.37
C CYS B 96 14.04 15.59 -19.10
N ALA B 97 14.66 16.56 -18.43
CA ALA B 97 14.89 17.88 -19.00
C ALA B 97 16.11 18.47 -18.32
N ARG B 98 16.79 19.39 -19.03
CA ARG B 98 18.08 19.97 -18.68
C ARG B 98 17.92 21.10 -17.66
N TYR B 99 19.02 21.61 -17.13
CA TYR B 99 18.97 22.84 -16.31
C TYR B 99 20.12 23.74 -16.79
N GLY B 100 19.88 24.58 -17.81
CA GLY B 100 21.02 25.23 -18.44
C GLY B 100 21.29 26.64 -17.99
N VAL B 101 22.52 27.00 -17.73
CA VAL B 101 22.72 28.33 -17.27
C VAL B 101 23.70 29.13 -18.06
N ARG B 102 23.52 30.43 -18.08
CA ARG B 102 24.44 31.24 -18.78
C ARG B 102 24.78 32.53 -18.15
N GLY B 103 25.11 32.41 -16.89
CA GLY B 103 25.52 33.51 -16.08
C GLY B 103 24.11 33.83 -15.54
N ASP B 104 23.31 34.57 -16.31
CA ASP B 104 22.05 34.95 -15.80
C ASP B 104 20.79 34.29 -16.42
N TYR B 105 21.00 33.21 -17.16
CA TYR B 105 19.94 32.48 -17.85
C TYR B 105 19.79 31.13 -17.19
N TYR B 106 18.74 30.96 -16.38
CA TYR B 106 18.43 29.71 -15.70
C TYR B 106 17.10 29.17 -16.22
N ALA B 107 17.11 27.97 -16.79
CA ALA B 107 15.84 27.44 -17.26
C ALA B 107 15.86 25.92 -17.12
N VAL B 108 14.85 25.27 -17.69
CA VAL B 108 14.96 23.85 -17.91
C VAL B 108 15.29 23.51 -19.36
N ASP B 109 15.10 24.41 -20.30
CA ASP B 109 15.34 24.19 -21.75
C ASP B 109 14.54 22.96 -22.17
N TYR B 110 15.21 21.89 -22.62
CA TYR B 110 14.60 20.92 -23.51
C TYR B 110 14.16 19.69 -22.75
N TRP B 111 12.96 19.24 -23.05
CA TRP B 111 12.42 18.06 -22.40
C TRP B 111 12.51 16.89 -23.35
N GLY B 112 12.67 15.69 -22.79
CA GLY B 112 12.66 14.50 -23.61
C GLY B 112 11.27 14.13 -24.07
N GLN B 113 11.19 13.32 -25.11
CA GLN B 113 9.88 13.02 -25.67
C GLN B 113 8.97 12.37 -24.65
N GLY B 114 9.52 11.70 -23.67
CA GLY B 114 8.68 11.11 -22.64
C GLY B 114 8.70 9.59 -22.75
N THR B 115 8.76 8.93 -21.59
CA THR B 115 8.73 7.49 -21.46
C THR B 115 7.42 7.14 -20.77
N SER B 116 6.55 6.41 -21.47
CA SER B 116 5.29 5.97 -20.85
C SER B 116 5.51 4.70 -20.04
N VAL B 117 4.93 4.62 -18.86
CA VAL B 117 4.99 3.42 -18.04
C VAL B 117 3.57 3.04 -17.65
N THR B 118 3.22 1.79 -17.90
CA THR B 118 1.92 1.22 -17.57
C THR B 118 2.15 0.01 -16.71
N VAL B 119 1.39 -0.13 -15.64
CA VAL B 119 1.62 -1.14 -14.61
C VAL B 119 0.30 -1.80 -14.27
N SER B 120 0.11 -3.04 -14.68
CA SER B 120 -0.95 -3.85 -14.07
C SER B 120 -0.76 -5.28 -14.52
N SER B 121 -1.66 -6.12 -14.00
CA SER B 121 -1.73 -7.56 -14.30
C SER B 121 -2.15 -7.91 -15.79
N ASP B 127 -10.80 -4.85 -9.86
CA ASP B 127 -10.76 -5.06 -8.41
C ASP B 127 -12.09 -4.75 -7.70
N ILE B 128 -12.16 -4.89 -6.37
CA ILE B 128 -13.38 -4.63 -5.61
C ILE B 128 -13.31 -3.25 -4.97
N GLN B 129 -14.31 -2.42 -5.23
CA GLN B 129 -14.39 -1.10 -4.63
C GLN B 129 -15.67 -1.04 -3.80
N MET B 130 -15.51 -0.76 -2.51
CA MET B 130 -16.61 -0.61 -1.58
C MET B 130 -16.97 0.86 -1.46
N THR B 131 -18.16 1.21 -1.89
CA THR B 131 -18.62 2.59 -1.92
C THR B 131 -19.62 2.79 -0.81
N GLN B 132 -19.33 3.68 0.15
CA GLN B 132 -20.23 3.97 1.26
C GLN B 132 -21.03 5.25 1.01
N SER B 133 -22.25 5.27 1.55
CA SER B 133 -23.13 6.44 1.50
C SER B 133 -23.80 6.74 2.85
N PRO B 134 -23.69 7.98 3.31
CA PRO B 134 -22.92 9.04 2.70
C PRO B 134 -21.51 9.08 3.27
N SER B 135 -20.68 10.01 2.80
CA SER B 135 -19.32 10.15 3.32
C SER B 135 -19.33 10.56 4.79
N SER B 136 -20.25 11.46 5.16
CA SER B 136 -20.48 11.89 6.53
C SER B 136 -21.95 12.27 6.65
N LEU B 137 -22.64 11.72 7.65
CA LEU B 137 -24.01 12.07 7.97
C LEU B 137 -24.04 12.79 9.31
N SER B 138 -25.24 13.24 9.73
CA SER B 138 -25.39 14.03 10.95
CA SER B 138 -25.39 14.07 10.92
C SER B 138 -26.82 13.90 11.48
N ALA B 139 -27.08 12.74 12.10
CA ALA B 139 -28.41 12.45 12.62
C ALA B 139 -28.33 12.24 14.13
N SER B 140 -29.39 12.66 14.80
CA SER B 140 -29.37 12.95 16.24
C SER B 140 -29.58 11.70 17.07
N VAL B 141 -29.37 11.88 18.38
CA VAL B 141 -29.66 10.81 19.33
C VAL B 141 -31.10 10.38 19.20
N GLY B 142 -31.33 9.07 19.10
CA GLY B 142 -32.66 8.52 18.93
C GLY B 142 -33.04 8.24 17.49
N ASP B 143 -32.39 8.92 16.53
CA ASP B 143 -32.75 8.76 15.12
C ASP B 143 -32.34 7.41 14.58
N ARG B 144 -32.91 7.09 13.42
CA ARG B 144 -32.65 5.84 12.74
C ARG B 144 -31.64 6.16 11.65
N VAL B 145 -30.39 5.77 11.87
CA VAL B 145 -29.33 5.97 10.90
C VAL B 145 -29.24 4.74 9.99
N THR B 146 -29.15 4.98 8.69
CA THR B 146 -28.97 3.94 7.68
C THR B 146 -27.75 4.25 6.81
N ILE B 147 -26.71 3.42 6.88
CA ILE B 147 -25.50 3.60 6.07
C ILE B 147 -25.47 2.50 5.01
N THR B 148 -25.40 2.90 3.75
CA THR B 148 -25.39 2.00 2.60
C THR B 148 -24.00 1.98 2.00
N CYS B 149 -23.55 0.80 1.57
CA CYS B 149 -22.22 0.57 1.04
C CYS B 149 -22.34 -0.45 -0.08
N ARG B 150 -21.89 -0.09 -1.27
CA ARG B 150 -22.18 -0.83 -2.50
C ARG B 150 -20.90 -1.33 -3.15
N ALA B 151 -20.75 -2.64 -3.22
CA ALA B 151 -19.59 -3.24 -3.84
C ALA B 151 -19.68 -3.10 -5.35
N SER B 152 -18.54 -2.81 -5.97
CA SER B 152 -18.50 -2.70 -7.42
C SER B 152 -18.85 -4.05 -8.05
N GLN B 153 -17.97 -5.04 -7.89
CA GLN B 153 -18.21 -6.38 -8.42
C GLN B 153 -19.06 -7.21 -7.50
N SER B 154 -19.62 -8.25 -8.06
CA SER B 154 -20.54 -9.08 -7.30
C SER B 154 -19.74 -9.81 -6.23
N VAL B 155 -20.15 -9.66 -4.98
CA VAL B 155 -19.62 -10.44 -3.87
C VAL B 155 -20.79 -11.17 -3.21
N SER B 156 -20.51 -12.27 -2.51
CA SER B 156 -21.54 -12.94 -1.73
C SER B 156 -21.84 -12.12 -0.49
N SER B 157 -22.64 -12.69 0.42
CA SER B 157 -22.86 -12.08 1.73
C SER B 157 -21.54 -12.19 2.50
N ALA B 158 -20.52 -11.44 2.07
CA ALA B 158 -19.16 -11.51 2.64
C ALA B 158 -18.78 -10.27 3.39
N VAL B 159 -19.69 -9.31 3.50
CA VAL B 159 -19.33 -8.01 4.02
C VAL B 159 -19.26 -8.02 5.54
N ALA B 160 -18.46 -7.12 6.08
CA ALA B 160 -18.39 -6.87 7.50
C ALA B 160 -18.45 -5.37 7.70
N TRP B 161 -18.84 -4.99 8.92
CA TRP B 161 -19.03 -3.60 9.33
C TRP B 161 -18.25 -3.37 10.60
N TYR B 162 -17.38 -2.36 10.60
CA TYR B 162 -16.63 -1.98 11.77
C TYR B 162 -17.01 -0.56 12.20
N GLN B 163 -16.84 -0.31 13.51
CA GLN B 163 -16.97 1.00 14.13
C GLN B 163 -15.61 1.45 14.64
N GLN B 164 -15.31 2.74 14.50
CA GLN B 164 -14.00 3.25 14.91
C GLN B 164 -14.19 4.59 15.61
N LYS B 165 -14.19 4.56 16.93
CA LYS B 165 -14.13 5.79 17.70
C LYS B 165 -12.77 6.45 17.51
N PRO B 166 -12.69 7.78 17.57
CA PRO B 166 -11.42 8.47 17.27
C PRO B 166 -10.31 8.05 18.24
N GLY B 167 -9.22 7.54 17.67
CA GLY B 167 -8.07 7.17 18.47
C GLY B 167 -8.12 5.79 19.10
N LYS B 168 -8.85 4.86 18.50
CA LYS B 168 -8.86 3.51 19.01
C LYS B 168 -9.05 2.55 17.84
N ALA B 169 -8.59 1.33 18.04
CA ALA B 169 -8.68 0.34 16.98
C ALA B 169 -10.13 0.03 16.67
N PRO B 170 -10.45 -0.24 15.41
CA PRO B 170 -11.82 -0.61 15.03
C PRO B 170 -12.30 -1.86 15.77
N LYS B 171 -13.53 -1.79 16.27
CA LYS B 171 -14.25 -2.97 16.73
C LYS B 171 -15.17 -3.42 15.60
N LEU B 172 -15.47 -4.72 15.61
CA LEU B 172 -16.32 -5.35 14.62
C LEU B 172 -17.76 -5.39 15.12
N LEU B 173 -18.70 -5.10 14.22
CA LEU B 173 -20.13 -5.09 14.48
C LEU B 173 -20.87 -6.22 13.77
N ILE B 174 -20.71 -6.33 12.46
CA ILE B 174 -21.47 -7.27 11.65
C ILE B 174 -20.53 -8.10 10.78
N TYR B 175 -20.75 -9.40 10.77
CA TYR B 175 -20.00 -10.32 9.96
C TYR B 175 -20.95 -11.06 9.05
N SER B 176 -20.47 -11.40 7.87
CA SER B 176 -21.24 -12.08 6.85
C SER B 176 -22.47 -11.37 6.35
N ALA B 177 -22.49 -10.06 6.51
CA ALA B 177 -23.62 -9.13 6.04
C ALA B 177 -24.92 -8.98 6.80
N SER B 178 -25.21 -9.81 7.78
CA SER B 178 -26.48 -9.73 8.45
C SER B 178 -26.26 -10.16 9.90
N SER B 179 -25.30 -11.02 10.19
CA SER B 179 -25.13 -11.41 11.58
C SER B 179 -24.41 -10.57 12.64
N LEU B 180 -25.14 -10.23 13.70
CA LEU B 180 -24.58 -9.46 14.80
C LEU B 180 -23.43 -10.21 15.45
N TYR B 181 -22.30 -9.54 15.58
CA TYR B 181 -21.19 -10.16 16.28
C TYR B 181 -21.50 -10.23 17.78
N SER B 182 -20.83 -11.18 18.46
CA SER B 182 -20.97 -11.34 19.90
C SER B 182 -20.85 -10.01 20.63
N GLY B 183 -21.67 -9.83 21.66
CA GLY B 183 -21.56 -8.70 22.56
C GLY B 183 -22.11 -7.40 22.01
N VAL B 184 -22.25 -7.33 20.69
CA VAL B 184 -22.66 -6.08 20.04
C VAL B 184 -24.12 -5.76 20.39
N PRO B 185 -24.47 -4.51 20.64
CA PRO B 185 -25.82 -4.16 21.07
C PRO B 185 -26.93 -4.54 20.11
N SER B 186 -28.17 -4.43 20.60
CA SER B 186 -29.34 -4.84 19.84
C SER B 186 -29.61 -3.91 18.67
N ARG B 187 -29.38 -2.60 18.85
CA ARG B 187 -29.85 -1.63 17.85
C ARG B 187 -29.14 -1.76 16.50
N PHE B 188 -27.99 -2.42 16.44
CA PHE B 188 -27.23 -2.60 15.19
C PHE B 188 -27.80 -3.76 14.37
N SER B 189 -27.66 -3.65 13.05
CA SER B 189 -28.23 -4.67 12.14
C SER B 189 -27.64 -4.52 10.74
N GLY B 190 -27.54 -5.66 10.04
CA GLY B 190 -27.07 -5.66 8.67
C GLY B 190 -28.06 -6.35 7.74
N SER B 191 -28.00 -5.96 6.47
CA SER B 191 -28.93 -6.47 5.46
CA SER B 191 -28.93 -6.48 5.45
C SER B 191 -28.30 -6.34 4.08
N ARG B 192 -28.64 -7.28 3.20
CA ARG B 192 -28.05 -7.33 1.86
C ARG B 192 -29.11 -7.38 0.78
N SER B 193 -28.98 -6.50 -0.24
CA SER B 193 -29.86 -6.51 -1.43
C SER B 193 -29.01 -6.61 -2.71
N GLY B 194 -28.38 -7.75 -2.91
CA GLY B 194 -27.56 -8.01 -4.08
C GLY B 194 -26.12 -7.56 -3.90
N THR B 195 -25.82 -6.32 -4.28
CA THR B 195 -24.47 -5.81 -4.14
C THR B 195 -24.36 -4.57 -3.28
N ASP B 196 -25.44 -4.09 -2.67
CA ASP B 196 -25.36 -3.01 -1.68
C ASP B 196 -25.74 -3.53 -0.30
N PHE B 197 -25.02 -3.06 0.70
CA PHE B 197 -25.08 -3.58 2.05
C PHE B 197 -25.37 -2.44 3.01
N THR B 198 -26.31 -2.65 3.91
CA THR B 198 -26.88 -1.57 4.69
C THR B 198 -26.63 -1.81 6.16
N LEU B 199 -25.92 -0.87 6.78
CA LEU B 199 -25.81 -0.79 8.22
C LEU B 199 -26.87 0.16 8.73
N THR B 200 -27.71 -0.36 9.64
CA THR B 200 -28.80 0.38 10.28
C THR B 200 -28.71 0.26 11.79
N ILE B 201 -28.77 1.40 12.49
CA ILE B 201 -28.89 1.44 13.94
C ILE B 201 -30.26 1.99 14.27
N SER B 202 -31.03 1.18 15.01
CA SER B 202 -32.48 1.39 15.11
C SER B 202 -32.77 2.64 15.93
N SER B 203 -32.29 2.65 17.18
CA SER B 203 -32.11 3.83 18.01
C SER B 203 -30.68 4.35 17.82
N LEU B 204 -30.29 5.36 18.58
CA LEU B 204 -28.91 5.83 18.46
C LEU B 204 -28.51 6.35 19.84
N GLN B 205 -27.53 5.73 20.41
CA GLN B 205 -27.05 6.15 21.71
C GLN B 205 -25.81 7.03 21.57
N PRO B 206 -25.48 7.81 22.59
CA PRO B 206 -24.43 8.83 22.43
C PRO B 206 -23.04 8.28 22.17
N GLU B 207 -22.83 6.98 22.27
CA GLU B 207 -21.52 6.40 21.98
C GLU B 207 -21.37 5.94 20.54
N ASP B 208 -22.40 6.10 19.70
CA ASP B 208 -22.34 5.71 18.30
C ASP B 208 -21.64 6.73 17.41
N PHE B 209 -21.29 7.90 17.94
CA PHE B 209 -20.83 8.99 17.08
C PHE B 209 -19.36 8.77 16.72
N ALA B 210 -19.15 7.93 15.71
CA ALA B 210 -17.82 7.60 15.24
C ALA B 210 -17.92 7.13 13.79
N THR B 211 -16.77 6.77 13.19
CA THR B 211 -16.68 6.30 11.81
C THR B 211 -16.98 4.82 11.58
N TYR B 212 -17.61 4.51 10.43
CA TYR B 212 -18.12 3.17 10.10
C TYR B 212 -17.58 2.68 8.75
N TYR B 213 -16.85 1.57 8.78
CA TYR B 213 -16.25 0.96 7.61
C TYR B 213 -16.93 -0.36 7.30
N CYS B 214 -17.13 -0.61 5.99
CA CYS B 214 -17.55 -1.88 5.41
C CYS B 214 -16.37 -2.53 4.68
N GLN B 215 -16.31 -3.86 4.72
CA GLN B 215 -15.18 -4.56 4.13
C GLN B 215 -15.62 -5.78 3.34
N GLN B 216 -15.12 -5.92 2.13
CA GLN B 216 -15.41 -7.07 1.31
C GLN B 216 -14.22 -8.03 1.23
N SER B 217 -14.49 -9.31 1.44
CA SER B 217 -13.45 -10.33 1.21
C SER B 217 -13.78 -11.46 0.33
N SER B 218 -14.72 -11.26 -0.57
CA SER B 218 -15.02 -12.38 -1.45
C SER B 218 -13.80 -12.90 -2.12
N SER B 219 -12.79 -12.08 -2.35
CA SER B 219 -11.58 -12.48 -3.02
C SER B 219 -10.49 -11.68 -2.41
N SER B 220 -9.56 -12.30 -1.72
CA SER B 220 -8.51 -11.52 -1.09
C SER B 220 -7.54 -11.00 -2.11
N LEU B 221 -7.81 -9.81 -2.62
CA LEU B 221 -7.34 -8.57 -2.06
C LEU B 221 -8.46 -7.99 -1.24
N ILE B 222 -8.16 -7.69 -0.02
CA ILE B 222 -9.15 -7.23 0.95
C ILE B 222 -9.35 -5.74 0.78
N THR B 223 -10.61 -5.30 0.80
CA THR B 223 -10.89 -3.90 0.55
C THR B 223 -11.92 -3.34 1.53
N PHE B 224 -11.70 -2.11 1.97
CA PHE B 224 -12.57 -1.42 2.91
C PHE B 224 -13.31 -0.31 2.18
N GLY B 225 -14.26 0.31 2.92
CA GLY B 225 -14.89 1.52 2.45
C GLY B 225 -14.05 2.77 2.74
N GLN B 226 -14.48 3.88 2.15
CA GLN B 226 -13.84 5.15 2.48
C GLN B 226 -14.26 5.64 3.85
N GLY B 227 -15.27 5.03 4.45
CA GLY B 227 -15.71 5.46 5.75
C GLY B 227 -16.89 6.42 5.72
N THR B 228 -17.83 6.18 6.65
CA THR B 228 -18.95 7.07 6.92
C THR B 228 -18.74 7.59 8.33
N LYS B 229 -18.82 8.92 8.51
CA LYS B 229 -18.64 9.55 9.80
C LYS B 229 -19.99 10.01 10.34
N VAL B 230 -20.29 9.62 11.58
CA VAL B 230 -21.56 9.92 12.25
C VAL B 230 -21.28 10.97 13.34
N GLU B 231 -21.85 12.16 13.18
CA GLU B 231 -21.52 13.32 13.99
C GLU B 231 -22.68 13.72 14.90
N ILE B 232 -22.35 14.30 16.06
CA ILE B 232 -23.33 14.72 17.05
C ILE B 232 -23.85 16.15 16.79
N VAL C 2 -7.86 -11.68 26.55
CA VAL C 2 -7.81 -11.66 25.08
C VAL C 2 -7.22 -10.32 24.62
N GLN C 3 -6.14 -10.35 23.83
CA GLN C 3 -5.47 -9.12 23.42
C GLN C 3 -4.37 -9.42 22.41
N LEU C 4 -3.96 -8.35 21.71
CA LEU C 4 -2.94 -8.35 20.66
C LEU C 4 -2.10 -7.09 20.82
N VAL C 5 -0.82 -7.27 21.17
CA VAL C 5 0.05 -6.16 21.52
C VAL C 5 1.10 -6.00 20.42
N GLU C 6 1.04 -4.88 19.72
CA GLU C 6 2.01 -4.56 18.68
C GLU C 6 3.24 -3.93 19.28
N SER C 7 4.26 -3.80 18.44
CA SER C 7 5.55 -3.25 18.85
C SER C 7 6.40 -3.05 17.62
N GLY C 8 7.38 -2.17 17.74
CA GLY C 8 8.37 -2.00 16.71
C GLY C 8 8.11 -0.87 15.76
N GLY C 9 7.18 0.02 16.09
CA GLY C 9 6.87 1.16 15.24
C GLY C 9 7.97 2.20 15.25
N GLY C 10 7.63 3.42 14.88
CA GLY C 10 8.54 4.51 15.06
C GLY C 10 9.16 5.17 13.83
N LEU C 11 10.37 5.68 14.02
CA LEU C 11 11.00 6.57 13.07
C LEU C 11 11.92 5.76 12.18
N VAL C 12 11.79 5.93 10.88
CA VAL C 12 12.59 5.20 9.89
C VAL C 12 12.84 6.10 8.70
N GLN C 13 14.08 6.13 8.26
CA GLN C 13 14.47 6.93 7.14
C GLN C 13 13.97 6.27 5.86
N PRO C 14 13.61 7.05 4.84
CA PRO C 14 13.18 6.47 3.57
C PRO C 14 14.20 5.48 3.04
N GLY C 15 13.72 4.32 2.59
CA GLY C 15 14.55 3.21 2.20
C GLY C 15 14.85 2.25 3.32
N GLY C 16 14.78 2.70 4.56
CA GLY C 16 15.06 1.86 5.70
C GLY C 16 14.05 0.74 5.92
N SER C 17 14.28 -0.01 6.99
CA SER C 17 13.51 -1.20 7.33
CA SER C 17 13.48 -1.19 7.32
C SER C 17 12.97 -1.07 8.75
N LEU C 18 12.04 -1.96 9.09
CA LEU C 18 11.35 -1.94 10.37
C LEU C 18 10.61 -3.25 10.53
N ARG C 19 10.59 -3.78 11.75
CA ARG C 19 9.89 -5.04 12.00
C ARG C 19 8.83 -4.80 13.07
N LEU C 20 7.58 -4.97 12.70
CA LEU C 20 6.49 -4.89 13.66
C LEU C 20 6.19 -6.27 14.20
N SER C 21 5.87 -6.34 15.48
CA SER C 21 5.50 -7.58 16.14
C SER C 21 4.08 -7.49 16.69
N CYS C 22 3.38 -8.61 16.74
CA CYS C 22 2.04 -8.60 17.35
C CYS C 22 1.87 -9.79 18.26
N ALA C 23 2.02 -9.56 19.56
CA ALA C 23 2.02 -10.58 20.59
C ALA C 23 0.59 -10.97 20.95
N ALA C 24 0.24 -12.22 20.69
CA ALA C 24 -1.11 -12.71 20.87
C ALA C 24 -1.27 -13.66 22.04
N SER C 25 -2.39 -13.49 22.76
CA SER C 25 -2.82 -14.41 23.81
C SER C 25 -4.29 -14.20 24.14
N GLY C 26 -4.97 -15.27 24.52
CA GLY C 26 -6.39 -15.23 24.76
C GLY C 26 -7.21 -16.02 23.78
N PHE C 27 -6.62 -16.55 22.72
CA PHE C 27 -7.38 -17.33 21.75
C PHE C 27 -6.51 -18.49 21.31
N ASN C 28 -7.13 -19.46 20.64
CA ASN C 28 -6.35 -20.44 19.89
C ASN C 28 -5.70 -19.65 18.74
N PHE C 29 -4.41 -19.37 18.87
CA PHE C 29 -3.67 -18.61 17.86
C PHE C 29 -3.23 -19.48 16.70
N SER C 30 -3.03 -20.78 16.94
CA SER C 30 -2.55 -21.69 15.91
C SER C 30 -3.62 -22.07 14.88
N SER C 31 -4.90 -21.76 15.15
CA SER C 31 -5.98 -21.97 14.20
C SER C 31 -6.59 -20.67 13.69
N SER C 32 -5.90 -19.55 13.85
CA SER C 32 -6.34 -18.25 13.37
C SER C 32 -5.46 -17.66 12.29
N SER C 33 -6.03 -16.77 11.48
CA SER C 33 -5.21 -15.96 10.57
C SER C 33 -4.93 -14.64 11.29
N ILE C 34 -3.81 -14.01 10.91
CA ILE C 34 -3.34 -12.74 11.45
C ILE C 34 -3.20 -11.79 10.25
N HIS C 35 -3.86 -10.64 10.33
CA HIS C 35 -3.81 -9.67 9.25
C HIS C 35 -3.31 -8.32 9.70
N TRP C 36 -2.63 -7.65 8.79
CA TRP C 36 -2.10 -6.32 9.02
C TRP C 36 -2.90 -5.37 8.17
N VAL C 37 -3.48 -4.36 8.81
CA VAL C 37 -4.25 -3.32 8.15
C VAL C 37 -3.75 -1.97 8.63
N ARG C 38 -3.36 -1.11 7.68
CA ARG C 38 -2.74 0.17 7.99
C ARG C 38 -3.68 1.31 7.63
N GLN C 39 -3.48 2.44 8.32
CA GLN C 39 -4.40 3.57 8.18
C GLN C 39 -3.62 4.88 8.14
N ALA C 40 -3.64 5.54 6.98
CA ALA C 40 -2.86 6.75 6.79
C ALA C 40 -3.40 7.88 7.68
N PRO C 41 -2.55 8.85 8.09
CA PRO C 41 -3.10 9.89 8.82
C PRO C 41 -3.79 10.76 7.80
N GLY C 42 -5.09 10.48 7.61
CA GLY C 42 -5.90 10.99 6.50
C GLY C 42 -6.89 10.33 5.64
N LYS C 43 -6.84 9.00 5.68
CA LYS C 43 -7.57 8.19 4.79
C LYS C 43 -8.07 6.92 5.48
N GLY C 44 -8.70 6.02 4.75
CA GLY C 44 -9.35 4.88 5.35
C GLY C 44 -8.36 3.78 5.70
N LEU C 45 -8.93 2.63 6.02
CA LEU C 45 -8.15 1.44 6.31
C LEU C 45 -7.71 0.73 5.04
N GLU C 46 -6.43 0.38 4.97
CA GLU C 46 -5.87 -0.37 3.86
C GLU C 46 -5.33 -1.69 4.38
N TRP C 47 -5.86 -2.80 3.88
CA TRP C 47 -5.27 -4.10 4.13
C TRP C 47 -3.94 -4.37 3.46
N VAL C 48 -2.92 -4.66 4.26
CA VAL C 48 -1.55 -4.84 3.76
C VAL C 48 -1.10 -6.28 3.49
N ALA C 49 -1.17 -7.14 4.49
CA ALA C 49 -0.64 -8.49 4.36
C ALA C 49 -1.40 -9.40 5.31
N SER C 50 -1.30 -10.70 5.04
CA SER C 50 -2.05 -11.70 5.80
CA SER C 50 -2.05 -11.69 5.81
C SER C 50 -1.20 -12.95 5.93
N ILE C 51 -1.56 -13.79 6.90
CA ILE C 51 -0.86 -15.06 7.11
C ILE C 51 -1.76 -15.98 7.93
N SER C 52 -1.68 -17.29 7.64
CA SER C 52 -2.31 -18.34 8.42
C SER C 52 -1.24 -18.98 9.29
N SER C 53 -1.39 -18.84 10.60
CA SER C 53 -0.37 -19.30 11.54
C SER C 53 -0.02 -20.78 11.39
N SER C 54 -0.89 -21.57 10.79
CA SER C 54 -0.61 -22.99 10.60
C SER C 54 -0.08 -23.31 9.21
N SER C 55 -0.78 -22.92 8.15
CA SER C 55 -0.34 -23.30 6.82
C SER C 55 0.87 -22.48 6.39
N GLY C 56 1.35 -21.55 7.22
CA GLY C 56 2.35 -20.58 6.79
C GLY C 56 1.98 -19.76 5.59
N SER C 57 0.76 -19.94 5.05
CA SER C 57 0.37 -19.29 3.81
C SER C 57 0.48 -17.78 3.95
N THR C 58 1.01 -17.12 2.92
CA THR C 58 1.13 -15.67 2.94
C THR C 58 0.49 -15.07 1.71
N SER C 59 -0.12 -13.89 1.89
CA SER C 59 -0.60 -13.05 0.80
C SER C 59 -0.32 -11.59 1.11
N TYR C 60 -0.19 -10.78 0.06
CA TYR C 60 0.16 -9.38 0.21
C TYR C 60 -0.68 -8.51 -0.71
N ALA C 61 -0.83 -7.25 -0.33
CA ALA C 61 -1.42 -6.30 -1.24
C ALA C 61 -0.34 -5.84 -2.21
N ASP C 62 -0.73 -5.58 -3.46
CA ASP C 62 0.24 -5.26 -4.50
C ASP C 62 1.12 -4.09 -4.10
N SER C 63 0.62 -3.18 -3.25
CA SER C 63 1.36 -1.99 -2.87
C SER C 63 2.54 -2.27 -1.96
N VAL C 64 2.71 -3.50 -1.47
CA VAL C 64 3.88 -3.88 -0.67
C VAL C 64 4.57 -5.12 -1.21
N LYS C 65 4.12 -5.67 -2.33
CA LYS C 65 4.65 -6.94 -2.79
C LYS C 65 6.14 -6.85 -3.00
N GLY C 66 6.86 -7.81 -2.45
CA GLY C 66 8.30 -7.87 -2.59
C GLY C 66 9.06 -7.02 -1.60
N ARG C 67 8.41 -6.02 -1.01
CA ARG C 67 9.03 -5.23 0.04
C ARG C 67 8.71 -5.74 1.45
N PHE C 68 7.53 -6.34 1.65
CA PHE C 68 7.10 -6.76 2.98
C PHE C 68 7.09 -8.28 3.07
N THR C 69 7.38 -8.78 4.26
CA THR C 69 7.45 -10.22 4.52
C THR C 69 6.78 -10.48 5.86
N ILE C 70 5.61 -11.15 5.80
CA ILE C 70 4.87 -11.55 6.98
C ILE C 70 5.30 -12.96 7.38
N SER C 71 5.23 -13.24 8.67
CA SER C 71 5.62 -14.54 9.18
C SER C 71 4.90 -14.73 10.51
N ALA C 72 5.13 -15.87 11.15
CA ALA C 72 4.59 -16.14 12.48
C ALA C 72 5.37 -17.27 13.13
N ASP C 73 5.37 -17.27 14.47
CA ASP C 73 5.97 -18.30 15.32
C ASP C 73 4.89 -18.88 16.21
N THR C 74 4.39 -20.06 15.86
CA THR C 74 3.28 -20.66 16.61
CA THR C 74 3.28 -20.66 16.60
C THR C 74 3.66 -20.96 18.04
N SER C 75 4.92 -21.27 18.30
CA SER C 75 5.30 -21.59 19.67
C SER C 75 5.34 -20.34 20.53
N LYS C 76 5.75 -19.22 19.96
CA LYS C 76 5.78 -17.98 20.73
C LYS C 76 4.53 -17.13 20.54
N ASN C 77 3.54 -17.60 19.75
CA ASN C 77 2.22 -16.93 19.59
C ASN C 77 2.35 -15.50 19.04
N THR C 78 3.43 -15.21 18.35
CA THR C 78 3.68 -13.89 17.83
C THR C 78 3.77 -13.96 16.32
N ALA C 79 3.30 -12.90 15.67
CA ALA C 79 3.41 -12.73 14.23
C ALA C 79 4.19 -11.46 13.99
N TYR C 80 5.02 -11.43 12.96
CA TYR C 80 5.82 -10.27 12.67
C TYR C 80 5.63 -9.83 11.23
N LEU C 81 5.65 -8.52 11.02
CA LEU C 81 5.59 -7.95 9.69
C LEU C 81 6.91 -7.23 9.44
N GLN C 82 7.78 -7.82 8.64
CA GLN C 82 9.03 -7.17 8.26
C GLN C 82 8.79 -6.27 7.05
N MET C 83 9.22 -5.02 7.15
CA MET C 83 8.91 -3.96 6.18
C MET C 83 10.21 -3.32 5.69
N ASN C 84 10.68 -3.72 4.51
CA ASN C 84 11.92 -3.23 3.95
C ASN C 84 11.67 -2.21 2.85
N SER C 85 12.69 -1.39 2.60
CA SER C 85 12.70 -0.45 1.48
C SER C 85 11.51 0.51 1.55
N LEU C 86 11.30 1.10 2.72
CA LEU C 86 10.08 1.86 2.98
C LEU C 86 10.10 3.25 2.33
N THR C 87 8.95 3.66 1.84
CA THR C 87 8.70 4.94 1.21
C THR C 87 7.93 5.83 2.18
N ALA C 88 7.94 7.13 1.89
CA ALA C 88 7.20 8.06 2.72
C ALA C 88 5.72 7.72 2.74
N GLU C 89 5.17 7.24 1.62
CA GLU C 89 3.75 6.96 1.66
C GLU C 89 3.44 5.65 2.34
N ASP C 90 4.40 5.08 3.06
CA ASP C 90 4.09 3.99 3.97
C ASP C 90 3.76 4.49 5.36
N THR C 91 3.97 5.79 5.63
CA THR C 91 3.72 6.33 6.95
C THR C 91 2.25 6.16 7.31
N ALA C 92 2.01 5.49 8.43
CA ALA C 92 0.65 5.10 8.79
C ALA C 92 0.71 4.46 10.16
N VAL C 93 -0.45 4.35 10.78
CA VAL C 93 -0.60 3.45 11.90
C VAL C 93 -0.90 2.08 11.34
N TYR C 94 -0.16 1.08 11.81
CA TYR C 94 -0.33 -0.30 11.40
C TYR C 94 -1.08 -1.03 12.50
N TYR C 95 -2.16 -1.69 12.11
CA TYR C 95 -2.94 -2.51 13.03
C TYR C 95 -2.74 -3.97 12.68
N CYS C 96 -2.83 -4.79 13.71
CA CYS C 96 -2.77 -6.24 13.55
CA CYS C 96 -2.75 -6.23 13.61
C CYS C 96 -4.06 -6.81 14.13
N ALA C 97 -4.66 -7.73 13.38
CA ALA C 97 -5.98 -8.27 13.70
C ALA C 97 -6.04 -9.77 13.43
N ARG C 98 -6.61 -10.52 14.35
CA ARG C 98 -6.89 -11.96 14.16
C ARG C 98 -8.17 -12.17 13.34
N TYR C 99 -8.09 -13.13 12.41
CA TYR C 99 -9.25 -13.77 11.76
C TYR C 99 -9.90 -14.92 12.40
N GLY C 100 -9.17 -16.04 12.54
CA GLY C 100 -9.62 -17.23 13.26
C GLY C 100 -10.61 -17.63 12.18
N HIS C 101 -11.47 -18.60 12.50
CA HIS C 101 -12.31 -19.43 11.65
C HIS C 101 -11.89 -20.35 10.53
N TRP C 102 -12.33 -20.12 9.31
CA TRP C 102 -11.99 -20.95 8.13
C TRP C 102 -10.54 -21.29 7.90
N SER C 103 -9.60 -20.49 8.40
CA SER C 103 -8.17 -20.73 8.24
C SER C 103 -7.74 -22.00 8.88
N TRP C 104 -6.58 -22.53 8.47
CA TRP C 104 -6.18 -23.91 8.80
C TRP C 104 -6.82 -24.93 7.83
N GLY C 105 -7.54 -24.49 6.80
CA GLY C 105 -7.57 -25.18 5.53
C GLY C 105 -7.03 -24.25 4.43
N ARG C 106 -7.54 -24.40 3.21
CA ARG C 106 -7.52 -23.25 2.32
C ARG C 106 -8.73 -22.43 2.67
N TRP C 107 -9.10 -21.44 1.84
CA TRP C 107 -10.09 -20.45 2.22
C TRP C 107 -9.67 -19.68 3.47
N TRP C 108 -8.44 -19.89 3.93
CA TRP C 108 -7.90 -19.25 5.12
C TRP C 108 -7.91 -17.73 5.02
N ASN C 109 -8.08 -17.17 3.82
CA ASN C 109 -8.09 -15.73 3.62
C ASN C 109 -9.26 -15.23 2.79
N TYR C 110 -10.23 -16.09 2.48
CA TYR C 110 -11.52 -15.63 2.02
C TYR C 110 -12.28 -15.28 3.30
N TRP C 111 -13.12 -14.23 3.23
CA TRP C 111 -14.17 -13.94 4.24
C TRP C 111 -14.05 -13.65 5.72
N VAL C 112 -13.18 -12.69 5.96
CA VAL C 112 -12.82 -12.36 7.29
C VAL C 112 -13.64 -11.39 8.06
N ALA C 113 -13.47 -11.52 9.35
CA ALA C 113 -14.14 -10.71 10.29
C ALA C 113 -13.02 -10.58 11.23
N LEU C 114 -12.36 -9.44 11.24
CA LEU C 114 -11.25 -9.26 12.15
C LEU C 114 -11.86 -8.80 13.45
N ASP C 115 -12.27 -9.76 14.27
CA ASP C 115 -12.92 -9.44 15.49
C ASP C 115 -12.05 -8.66 16.43
N TYR C 116 -10.90 -9.23 16.75
CA TYR C 116 -9.98 -8.61 17.70
C TYR C 116 -8.91 -7.80 16.98
N TRP C 117 -8.58 -6.62 17.51
CA TRP C 117 -7.51 -5.81 16.93
C TRP C 117 -6.47 -5.42 17.98
N GLY C 118 -5.24 -5.23 17.50
CA GLY C 118 -4.20 -4.63 18.31
C GLY C 118 -4.39 -3.13 18.44
N GLN C 119 -3.65 -2.54 19.38
CA GLN C 119 -3.85 -1.12 19.62
C GLN C 119 -3.27 -0.27 18.52
N GLY C 120 -2.49 -0.86 17.63
CA GLY C 120 -1.90 -0.12 16.53
C GLY C 120 -0.55 0.46 16.91
N THR C 121 0.26 0.74 15.90
CA THR C 121 1.57 1.30 16.15
C THR C 121 1.95 2.21 14.99
N LEU C 122 2.59 3.32 15.31
CA LEU C 122 2.84 4.35 14.32
C LEU C 122 4.19 4.13 13.65
N VAL C 123 4.19 4.24 12.33
CA VAL C 123 5.37 4.14 11.49
C VAL C 123 5.48 5.45 10.74
N THR C 124 6.60 6.16 10.89
CA THR C 124 6.81 7.44 10.22
C THR C 124 8.09 7.36 9.40
N VAL C 125 7.98 7.52 8.09
CA VAL C 125 9.10 7.44 7.15
C VAL C 125 9.42 8.89 6.75
N SER C 126 10.39 9.49 7.44
CA SER C 126 10.86 10.81 7.08
C SER C 126 12.36 10.91 7.29
N SER C 127 13.01 11.66 6.41
CA SER C 127 14.44 11.89 6.48
C SER C 127 14.80 13.21 7.16
N ASP C 133 6.92 22.83 2.26
CA ASP C 133 7.18 22.73 0.81
C ASP C 133 6.31 23.68 -0.03
N ILE C 134 6.94 24.29 -1.05
CA ILE C 134 6.32 25.38 -1.79
C ILE C 134 5.18 24.85 -2.64
N VAL C 135 4.18 25.69 -2.85
CA VAL C 135 2.92 25.29 -3.49
C VAL C 135 2.54 26.34 -4.54
N MET C 136 2.27 25.89 -5.76
CA MET C 136 1.85 26.78 -6.84
C MET C 136 0.40 26.50 -7.16
N THR C 137 -0.46 27.50 -6.99
CA THR C 137 -1.89 27.36 -7.22
C THR C 137 -2.28 28.10 -8.49
N GLN C 138 -2.91 27.39 -9.39
CA GLN C 138 -3.38 27.96 -10.65
C GLN C 138 -4.87 28.14 -10.49
N SER C 139 -5.26 29.38 -10.17
CA SER C 139 -6.62 29.67 -9.72
C SER C 139 -7.69 29.32 -10.75
N GLN C 140 -7.32 28.83 -11.94
CA GLN C 140 -8.35 28.42 -12.90
C GLN C 140 -7.86 27.22 -13.70
N LYS C 141 -8.56 26.09 -13.57
CA LYS C 141 -8.17 24.90 -14.33
C LYS C 141 -8.61 24.99 -15.79
N PHE C 142 -9.67 25.74 -16.11
CA PHE C 142 -10.17 25.90 -17.47
C PHE C 142 -10.29 27.35 -17.88
N MET C 143 -9.94 27.64 -19.13
CA MET C 143 -10.06 28.96 -19.74
C MET C 143 -10.95 28.86 -20.98
N SER C 144 -11.31 30.02 -21.54
CA SER C 144 -12.21 30.15 -22.68
C SER C 144 -11.92 31.42 -23.44
N THR C 145 -11.87 31.32 -24.77
CA THR C 145 -11.33 32.39 -25.60
C THR C 145 -11.53 32.00 -27.07
N SER C 146 -11.35 32.97 -27.99
CA SER C 146 -11.36 32.72 -29.43
C SER C 146 -10.44 33.64 -30.19
N ALA C 147 -9.92 33.17 -31.33
CA ALA C 147 -8.78 33.81 -31.98
C ALA C 147 -8.88 35.33 -32.03
N GLY C 148 -7.72 35.99 -31.96
CA GLY C 148 -7.69 37.41 -31.74
C GLY C 148 -8.22 37.31 -30.30
N ASP C 149 -7.39 36.76 -29.41
CA ASP C 149 -7.78 36.45 -28.03
C ASP C 149 -7.26 37.36 -26.92
N ARG C 150 -7.78 37.09 -25.73
CA ARG C 150 -7.48 37.89 -24.54
C ARG C 150 -6.89 37.43 -23.22
N VAL C 151 -6.37 36.20 -23.15
CA VAL C 151 -6.38 35.48 -21.87
C VAL C 151 -5.19 35.83 -20.98
N SER C 152 -5.43 35.74 -19.67
CA SER C 152 -4.34 35.81 -18.70
C SER C 152 -4.48 34.69 -17.66
N ILE C 153 -3.43 33.89 -17.50
CA ILE C 153 -3.41 32.76 -16.56
C ILE C 153 -2.59 33.14 -15.33
N THR C 154 -3.20 33.04 -14.14
CA THR C 154 -2.58 33.42 -12.87
C THR C 154 -1.96 32.20 -12.18
N CYS C 155 -0.92 32.43 -11.39
CA CYS C 155 -0.26 31.34 -10.66
C CYS C 155 0.43 31.92 -9.44
N LYS C 156 -0.07 31.57 -8.26
CA LYS C 156 0.35 32.18 -7.02
C LYS C 156 0.96 31.14 -6.08
N ALA C 157 2.15 31.45 -5.58
CA ALA C 157 2.94 30.59 -4.72
C ALA C 157 2.48 30.68 -3.28
N SER C 158 2.81 29.66 -2.50
CA SER C 158 2.49 29.72 -1.08
C SER C 158 3.55 30.46 -0.30
N GLN C 159 4.78 30.52 -0.80
CA GLN C 159 5.86 31.26 -0.15
C GLN C 159 6.52 32.17 -1.17
N ASN C 160 7.60 32.79 -0.75
CA ASN C 160 8.22 33.83 -1.55
C ASN C 160 9.27 33.21 -2.47
N VAL C 161 8.90 32.95 -3.72
CA VAL C 161 9.88 32.59 -4.72
C VAL C 161 10.29 33.95 -5.38
N ARG C 162 11.57 34.25 -5.30
CA ARG C 162 12.09 35.52 -5.66
C ARG C 162 12.36 35.57 -7.19
N THR C 163 11.37 35.91 -8.01
CA THR C 163 11.53 36.04 -9.49
C THR C 163 11.91 34.71 -10.17
N ALA C 164 11.86 33.55 -9.49
CA ALA C 164 12.36 32.26 -10.06
C ALA C 164 11.14 31.37 -10.39
N VAL C 165 10.49 31.58 -11.52
CA VAL C 165 9.30 30.85 -11.86
C VAL C 165 9.34 30.80 -13.36
N ALA C 166 8.86 29.69 -13.91
CA ALA C 166 8.83 29.44 -15.33
C ALA C 166 7.49 28.86 -15.73
N TRP C 167 7.15 29.06 -17.01
CA TRP C 167 5.86 28.69 -17.60
C TRP C 167 6.08 27.71 -18.75
N TYR C 168 5.15 26.77 -18.91
CA TYR C 168 5.29 25.71 -19.90
C TYR C 168 4.01 25.48 -20.68
N GLN C 169 4.13 25.43 -22.00
CA GLN C 169 3.04 25.13 -22.92
C GLN C 169 3.07 23.64 -23.24
N GLN C 170 2.00 22.93 -22.91
CA GLN C 170 1.96 21.49 -23.18
C GLN C 170 0.69 21.15 -23.94
N LYS C 171 0.82 20.84 -25.26
CA LYS C 171 -0.35 20.39 -25.99
C LYS C 171 -0.30 18.88 -26.11
N PRO C 172 -1.47 18.23 -26.27
CA PRO C 172 -1.56 16.78 -26.04
C PRO C 172 -0.59 15.98 -26.90
N GLY C 173 -0.17 14.84 -26.35
CA GLY C 173 0.78 13.98 -27.03
C GLY C 173 2.16 14.54 -27.15
N GLN C 174 2.45 15.65 -26.49
CA GLN C 174 3.74 16.29 -26.59
C GLN C 174 4.35 16.48 -25.21
N SER C 175 5.65 16.70 -25.21
CA SER C 175 6.41 17.17 -24.08
C SER C 175 6.23 18.67 -23.94
N PRO C 176 6.27 19.19 -22.72
CA PRO C 176 6.02 20.62 -22.52
C PRO C 176 7.04 21.47 -23.29
N LYS C 177 6.54 22.50 -23.99
CA LYS C 177 7.40 23.58 -24.46
C LYS C 177 7.75 24.47 -23.29
N ALA C 178 8.85 25.16 -23.38
CA ALA C 178 9.26 26.09 -22.35
C ALA C 178 9.05 27.53 -22.85
N LEU C 179 8.02 28.20 -22.34
CA LEU C 179 7.59 29.54 -22.78
C LEU C 179 8.35 30.69 -22.15
N ILE C 180 8.47 30.72 -20.82
CA ILE C 180 9.02 31.88 -20.14
C ILE C 180 9.86 31.43 -18.95
N TYR C 181 11.02 32.04 -18.77
CA TYR C 181 11.88 31.71 -17.64
C TYR C 181 12.20 32.95 -16.82
N LEU C 182 12.39 32.70 -15.54
CA LEU C 182 12.68 33.74 -14.60
C LEU C 182 11.76 34.90 -14.70
N ALA C 183 10.52 34.66 -14.32
CA ALA C 183 9.46 35.69 -14.21
C ALA C 183 9.54 36.07 -15.72
N SER C 184 9.84 37.33 -15.99
CA SER C 184 9.83 37.77 -17.28
C SER C 184 10.85 37.68 -18.51
N ASN C 185 11.09 36.48 -19.00
CA ASN C 185 11.89 36.33 -20.22
C ASN C 185 11.35 35.33 -21.22
N ARG C 186 11.15 35.78 -22.47
CA ARG C 186 10.58 34.95 -23.54
C ARG C 186 11.66 34.02 -24.04
N HIS C 187 11.58 32.75 -23.62
CA HIS C 187 12.52 31.73 -24.05
C HIS C 187 12.59 31.76 -25.57
N THR C 188 13.79 31.55 -26.12
CA THR C 188 14.03 31.89 -27.52
C THR C 188 13.09 31.11 -28.44
N GLY C 189 12.50 31.83 -29.39
CA GLY C 189 11.53 31.23 -30.29
C GLY C 189 10.09 31.46 -29.90
N VAL C 190 9.84 31.93 -28.69
CA VAL C 190 8.47 32.20 -28.23
C VAL C 190 8.03 33.58 -28.76
N PRO C 191 6.83 33.69 -29.34
CA PRO C 191 6.40 34.97 -29.93
C PRO C 191 6.35 36.10 -28.92
N ASP C 192 6.26 37.33 -29.45
CA ASP C 192 5.97 38.49 -28.60
C ASP C 192 4.56 38.40 -28.02
N ARG C 193 3.75 37.49 -28.54
CA ARG C 193 2.37 37.34 -28.10
C ARG C 193 2.26 36.89 -26.64
N PHE C 194 3.19 36.02 -26.19
CA PHE C 194 3.30 35.57 -24.80
C PHE C 194 4.20 36.52 -24.01
N THR C 195 3.70 36.97 -22.86
CA THR C 195 4.47 37.76 -21.90
C THR C 195 4.18 37.21 -20.51
N GLY C 196 5.21 37.19 -19.67
CA GLY C 196 5.07 36.73 -18.30
C GLY C 196 5.31 37.89 -17.35
N SER C 197 4.56 37.88 -16.26
CA SER C 197 4.51 39.00 -15.36
C SER C 197 4.67 38.50 -13.94
N GLY C 198 5.41 39.27 -13.15
CA GLY C 198 5.31 39.22 -11.71
C GLY C 198 6.58 38.80 -11.00
N SER C 199 6.53 38.94 -9.68
CA SER C 199 7.60 38.51 -8.80
C SER C 199 7.00 38.30 -7.43
N GLY C 200 7.69 37.51 -6.61
CA GLY C 200 7.28 37.32 -5.22
C GLY C 200 6.33 36.13 -5.06
N THR C 201 5.10 36.40 -4.67
CA THR C 201 4.13 35.34 -4.46
C THR C 201 3.18 35.17 -5.63
N ASP C 202 3.26 36.05 -6.62
CA ASP C 202 2.13 36.32 -7.52
C ASP C 202 2.63 36.46 -8.95
N PHE C 203 2.24 35.55 -9.82
CA PHE C 203 2.77 35.50 -11.18
C PHE C 203 1.65 35.30 -12.18
N THR C 204 1.85 35.89 -13.36
CA THR C 204 0.87 35.86 -14.43
C THR C 204 1.54 35.52 -15.75
N LEU C 205 0.81 34.79 -16.58
CA LEU C 205 1.12 34.54 -17.98
C LEU C 205 -0.02 35.07 -18.83
N THR C 206 0.26 36.11 -19.62
CA THR C 206 -0.67 36.79 -20.51
C THR C 206 -0.42 36.43 -21.99
N ILE C 207 -1.48 36.10 -22.70
CA ILE C 207 -1.38 35.72 -24.09
C ILE C 207 -2.33 36.60 -24.85
N SER C 208 -1.88 37.24 -25.91
CA SER C 208 -2.79 38.08 -26.67
C SER C 208 -3.80 37.87 -27.78
N ASN C 209 -3.35 37.41 -28.94
CA ASN C 209 -4.22 37.23 -30.11
C ASN C 209 -3.89 35.84 -29.59
N VAL C 210 -4.91 34.99 -29.58
CA VAL C 210 -4.76 33.60 -29.17
C VAL C 210 -5.04 33.07 -30.57
N GLN C 211 -4.42 31.95 -30.91
CA GLN C 211 -4.66 31.34 -32.21
C GLN C 211 -4.82 29.85 -32.05
N SER C 212 -5.28 29.21 -33.13
CA SER C 212 -5.69 27.81 -33.07
C SER C 212 -4.59 26.90 -32.58
N GLU C 213 -3.33 27.27 -32.81
CA GLU C 213 -2.19 26.51 -32.32
C GLU C 213 -1.81 26.87 -30.89
N ASP C 214 -2.49 27.83 -30.29
CA ASP C 214 -2.26 28.18 -28.90
C ASP C 214 -3.18 27.43 -27.95
N LEU C 215 -4.04 26.56 -28.45
CA LEU C 215 -4.90 25.82 -27.56
C LEU C 215 -4.08 24.63 -27.05
N ALA C 216 -3.77 24.70 -25.75
CA ALA C 216 -2.95 23.69 -25.09
C ALA C 216 -3.07 23.97 -23.60
N ASP C 217 -2.37 23.21 -22.77
CA ASP C 217 -2.44 23.32 -21.33
C ASP C 217 -1.20 23.96 -20.73
N TYR C 218 -1.37 25.07 -20.04
CA TYR C 218 -0.24 25.84 -19.53
C TYR C 218 -0.12 25.62 -18.02
N PHE C 219 1.11 25.39 -17.55
CA PHE C 219 1.35 25.39 -16.11
C PHE C 219 2.68 26.09 -15.80
N CYS C 220 2.83 26.45 -14.52
CA CYS C 220 3.94 27.19 -13.95
C CYS C 220 4.80 26.30 -13.09
N LEU C 221 6.06 26.69 -12.92
CA LEU C 221 7.01 25.91 -12.12
C LEU C 221 7.92 26.89 -11.39
N GLN C 222 8.02 26.72 -10.09
CA GLN C 222 8.98 27.44 -9.28
C GLN C 222 10.20 26.55 -9.11
N HIS C 223 11.39 27.11 -9.33
CA HIS C 223 12.65 26.43 -9.06
C HIS C 223 13.49 27.18 -8.04
N TRP C 224 12.84 27.99 -7.19
CA TRP C 224 13.57 28.68 -6.12
C TRP C 224 14.12 27.68 -5.11
N SER C 225 13.22 27.08 -4.36
CA SER C 225 13.54 26.20 -3.27
C SER C 225 13.14 24.78 -3.67
N TYR C 226 13.30 23.85 -2.74
CA TYR C 226 13.14 22.44 -3.01
C TYR C 226 12.08 21.83 -2.13
N PRO C 227 11.35 20.86 -2.67
CA PRO C 227 11.40 20.38 -4.04
C PRO C 227 10.80 21.35 -5.06
N TYR C 228 11.36 21.33 -6.26
CA TYR C 228 10.74 22.00 -7.40
C TYR C 228 9.26 21.61 -7.46
N THR C 229 8.37 22.59 -7.58
CA THR C 229 6.95 22.29 -7.57
C THR C 229 6.21 22.99 -8.71
N PHE C 230 5.21 22.32 -9.27
CA PHE C 230 4.52 22.78 -10.46
C PHE C 230 3.16 23.35 -10.12
N GLY C 231 2.46 23.86 -11.14
CA GLY C 231 1.07 24.23 -11.01
C GLY C 231 0.13 23.12 -11.47
N GLY C 232 -1.16 23.39 -11.30
CA GLY C 232 -2.20 22.38 -11.58
C GLY C 232 -2.46 22.15 -13.05
N GLY C 233 -2.04 23.06 -13.91
CA GLY C 233 -2.40 23.05 -15.31
C GLY C 233 -3.66 23.84 -15.65
N THR C 234 -3.60 24.53 -16.80
CA THR C 234 -4.74 25.33 -17.30
C THR C 234 -4.96 25.07 -18.78
N LYS C 235 -5.99 24.28 -19.10
CA LYS C 235 -6.30 23.94 -20.48
C LYS C 235 -7.21 25.00 -21.10
N LEU C 236 -6.92 25.39 -22.35
CA LEU C 236 -7.62 26.47 -23.02
C LEU C 236 -8.69 25.94 -23.98
N GLU C 237 -9.81 26.66 -24.04
CA GLU C 237 -10.92 26.32 -24.94
C GLU C 237 -10.74 26.91 -26.35
N THR D 4 22.51 46.21 40.38
CA THR D 4 22.17 45.12 41.30
C THR D 4 20.83 44.44 40.97
N VAL D 5 20.85 43.58 39.97
CA VAL D 5 19.82 42.58 39.75
C VAL D 5 20.50 41.23 39.83
N SER D 6 20.30 40.52 40.92
CA SER D 6 20.94 39.23 41.12
C SER D 6 20.12 38.22 40.32
N THR D 7 20.51 38.05 39.05
CA THR D 7 19.72 37.24 38.12
C THR D 7 20.47 35.96 37.75
N PRO D 8 20.03 34.79 38.27
CA PRO D 8 20.54 33.48 37.82
C PRO D 8 20.65 33.29 36.30
N ILE D 9 21.65 32.52 35.90
CA ILE D 9 22.05 32.45 34.49
C ILE D 9 20.95 31.85 33.64
N LYS D 10 20.28 30.83 34.15
CA LYS D 10 19.36 30.06 33.31
C LYS D 10 18.11 30.83 32.92
N GLN D 11 17.93 32.08 33.36
CA GLN D 11 16.80 32.88 32.87
C GLN D 11 17.18 33.74 31.66
N ILE D 12 18.38 34.32 31.72
CA ILE D 12 18.96 35.04 30.58
C ILE D 12 19.09 34.13 29.36
N PHE D 13 19.62 32.91 29.57
CA PHE D 13 19.85 31.94 28.50
C PHE D 13 18.99 30.70 28.72
N PRO D 14 17.85 30.57 28.04
CA PRO D 14 17.00 29.38 28.27
C PRO D 14 17.68 28.06 27.92
N ASP D 15 18.65 28.05 27.01
CA ASP D 15 19.31 26.82 26.57
C ASP D 15 20.32 26.34 27.60
N ASP D 16 20.10 25.13 28.13
CA ASP D 16 20.93 24.59 29.20
C ASP D 16 22.38 24.50 28.77
N ALA D 17 22.61 23.95 27.58
CA ALA D 17 23.98 23.83 27.09
C ALA D 17 24.59 25.21 26.91
N PHE D 18 23.82 26.14 26.37
CA PHE D 18 24.34 27.48 26.17
C PHE D 18 24.69 28.13 27.50
N ALA D 19 23.77 28.07 28.48
CA ALA D 19 24.07 28.55 29.83
C ALA D 19 25.28 27.83 30.43
N GLU D 20 25.51 26.59 30.02
CA GLU D 20 26.67 25.85 30.48
C GLU D 20 27.96 26.45 29.92
N THR D 21 27.93 26.97 28.70
CA THR D 21 29.12 27.64 28.20
C THR D 21 29.37 28.96 28.94
N ILE D 22 28.30 29.61 29.38
CA ILE D 22 28.43 30.80 30.21
C ILE D 22 29.07 30.45 31.55
N LYS D 23 28.49 29.47 32.24
CA LYS D 23 29.09 28.96 33.47
C LYS D 23 30.54 28.54 33.25
N ALA D 24 30.89 28.14 32.02
CA ALA D 24 32.29 27.84 31.76
C ALA D 24 33.06 29.12 31.50
N ASN D 25 32.39 30.15 31.00
CA ASN D 25 33.07 31.36 30.54
C ASN D 25 33.47 32.24 31.71
N LEU D 26 32.53 32.57 32.60
CA LEU D 26 32.81 33.02 33.94
C LEU D 26 33.25 31.77 34.74
N LYS D 27 34.15 31.93 35.70
CA LYS D 27 34.70 30.77 36.34
C LYS D 27 33.74 30.39 37.50
N LYS D 28 32.63 29.75 37.13
CA LYS D 28 31.54 29.47 38.06
C LYS D 28 31.48 28.02 38.51
N LYS D 29 30.72 27.79 39.59
CA LYS D 29 30.67 26.49 40.27
C LYS D 29 29.39 25.73 40.00
N SER D 30 28.24 26.40 40.01
CA SER D 30 26.94 25.80 39.67
C SER D 30 26.38 26.52 38.45
N VAL D 31 25.12 26.27 38.11
CA VAL D 31 24.50 26.91 36.95
C VAL D 31 23.28 27.75 37.29
N THR D 32 22.75 27.68 38.49
CA THR D 32 21.72 28.61 38.94
C THR D 32 22.30 29.79 39.71
N ASP D 33 23.62 29.93 39.75
CA ASP D 33 24.24 31.07 40.42
C ASP D 33 23.74 32.38 39.84
N ALA D 34 23.82 33.43 40.65
CA ALA D 34 23.44 34.75 40.21
C ALA D 34 24.58 35.37 39.42
N VAL D 35 24.21 36.23 38.46
CA VAL D 35 25.18 36.94 37.65
C VAL D 35 24.61 38.34 37.37
N THR D 36 25.34 39.36 37.79
CA THR D 36 24.98 40.74 37.50
C THR D 36 25.36 41.05 36.06
N GLN D 37 24.83 42.17 35.56
CA GLN D 37 25.23 42.65 34.23
C GLN D 37 26.73 42.90 34.14
N ASN D 38 27.37 43.27 35.26
CA ASN D 38 28.80 43.60 35.27
C ASN D 38 29.65 42.44 34.79
N GLU D 39 29.35 41.24 35.29
CA GLU D 39 30.12 40.06 34.91
C GLU D 39 29.74 39.53 33.52
N LEU D 40 28.52 39.80 33.04
CA LEU D 40 28.18 39.55 31.64
C LEU D 40 29.08 40.34 30.70
N ASN D 41 29.48 41.54 31.11
CA ASN D 41 30.26 42.40 30.26
C ASN D 41 31.76 42.12 30.38
N SER D 42 32.14 41.04 31.07
CA SER D 42 33.50 40.49 31.10
C SER D 42 33.71 39.45 30.01
N ILE D 43 32.67 39.14 29.27
CA ILE D 43 32.66 38.06 28.27
C ILE D 43 33.06 38.66 26.94
N ASP D 44 34.33 38.53 26.57
CA ASP D 44 34.76 39.01 25.27
C ASP D 44 34.73 37.94 24.19
N GLN D 45 34.79 36.67 24.57
CA GLN D 45 34.86 35.57 23.61
C GLN D 45 34.06 34.40 24.12
N ILE D 46 33.33 33.75 23.21
CA ILE D 46 32.47 32.62 23.52
C ILE D 46 32.79 31.54 22.51
N ILE D 47 33.74 30.68 22.83
CA ILE D 47 34.01 29.50 22.02
C ILE D 47 33.10 28.41 22.56
N ALA D 48 32.00 28.18 21.86
CA ALA D 48 31.14 27.04 22.14
C ALA D 48 31.15 26.11 20.95
N ASN D 49 32.31 26.06 20.27
CA ASN D 49 32.55 25.12 19.19
C ASN D 49 32.26 23.70 19.63
N ASN D 50 31.35 23.04 18.90
CA ASN D 50 31.14 21.61 19.04
C ASN D 50 30.43 21.29 20.36
N SER D 51 29.38 22.03 20.71
CA SER D 51 28.81 21.77 22.02
C SER D 51 27.28 21.64 22.03
N ASP D 52 26.67 21.51 20.85
CA ASP D 52 25.28 21.08 20.71
C ASP D 52 24.28 22.04 21.36
N ILE D 53 24.19 23.24 20.79
CA ILE D 53 23.36 24.30 21.34
C ILE D 53 22.25 24.63 20.36
N LYS D 54 21.02 24.72 20.87
CA LYS D 54 19.89 24.90 19.96
C LYS D 54 19.56 26.36 19.68
N SER D 55 19.46 27.19 20.71
CA SER D 55 19.12 28.61 20.60
C SER D 55 20.12 29.45 21.37
N VAL D 56 20.60 30.53 20.75
CA VAL D 56 21.52 31.43 21.42
C VAL D 56 20.73 32.58 22.04
N GLN D 57 19.45 32.34 22.28
CA GLN D 57 18.59 33.33 22.93
C GLN D 57 19.14 33.73 24.28
N GLY D 58 19.46 35.01 24.45
CA GLY D 58 20.13 35.51 25.64
C GLY D 58 21.48 36.15 25.37
N ILE D 59 22.09 35.88 24.23
CA ILE D 59 23.39 36.45 23.91
C ILE D 59 23.23 37.90 23.49
N GLN D 60 21.99 38.40 23.48
CA GLN D 60 21.77 39.82 23.27
C GLN D 60 22.49 40.65 24.32
N TYR D 61 22.59 40.13 25.55
CA TYR D 61 23.08 40.94 26.69
C TYR D 61 24.51 40.67 26.98
N LEU D 62 25.31 40.49 25.95
CA LEU D 62 26.79 40.26 26.14
C LEU D 62 27.16 41.24 25.15
N PRO D 63 27.48 42.43 25.63
CA PRO D 63 27.89 43.54 24.80
C PRO D 63 29.33 43.45 24.32
N ASN D 64 30.22 42.72 24.98
CA ASN D 64 31.58 42.66 24.53
C ASN D 64 31.99 41.45 23.69
N VAL D 65 31.08 40.63 23.20
CA VAL D 65 31.60 39.54 22.40
C VAL D 65 32.30 40.11 21.17
N ARG D 66 33.63 40.12 21.19
CA ARG D 66 34.38 40.40 20.00
C ARG D 66 34.70 39.15 19.21
N TYR D 67 34.51 37.96 19.78
CA TYR D 67 34.94 36.68 19.19
C TYR D 67 33.86 35.65 19.50
N LEU D 68 32.99 35.38 18.53
CA LEU D 68 31.91 34.41 18.69
C LEU D 68 32.06 33.32 17.65
N ALA D 69 32.38 32.12 18.10
CA ALA D 69 32.59 30.98 17.23
C ALA D 69 31.69 29.87 17.77
N LEU D 70 30.61 29.58 17.05
CA LEU D 70 29.64 28.55 17.42
C LEU D 70 29.62 27.50 16.32
N GLY D 71 30.24 26.36 16.56
CA GLY D 71 30.48 25.37 15.53
C GLY D 71 29.83 24.03 15.81
N GLY D 72 29.35 23.40 14.74
CA GLY D 72 28.77 22.08 14.79
C GLY D 72 27.64 22.06 15.80
N ASN D 73 26.75 23.07 15.72
CA ASN D 73 25.61 23.21 16.62
C ASN D 73 24.33 22.96 15.82
N LYS D 74 23.19 23.24 16.46
CA LYS D 74 21.87 23.10 15.85
C LYS D 74 21.13 24.41 15.68
N LEU D 75 21.86 25.47 15.39
CA LEU D 75 21.27 26.80 15.34
C LEU D 75 20.23 26.98 14.24
N HIS D 76 19.06 27.48 14.62
CA HIS D 76 18.07 27.94 13.64
C HIS D 76 18.04 29.44 13.49
N ASP D 77 18.19 30.15 14.62
CA ASP D 77 17.83 31.56 14.78
C ASP D 77 19.02 32.32 15.34
N ILE D 78 19.73 33.03 14.46
CA ILE D 78 20.83 33.88 14.85
C ILE D 78 20.41 35.35 14.93
N SER D 79 19.10 35.60 14.98
CA SER D 79 18.63 36.98 15.11
C SER D 79 19.07 37.65 16.40
N ALA D 80 19.45 36.89 17.42
CA ALA D 80 20.03 37.50 18.61
C ALA D 80 21.42 38.07 18.35
N LEU D 81 22.02 37.83 17.18
CA LEU D 81 23.39 38.27 16.95
C LEU D 81 23.50 39.64 16.29
N LYS D 82 22.39 40.26 15.91
CA LYS D 82 22.51 41.51 15.19
C LYS D 82 22.66 42.72 16.11
N GLU D 83 22.59 42.55 17.43
CA GLU D 83 22.82 43.64 18.38
C GLU D 83 24.23 43.57 18.99
N LEU D 84 25.07 42.64 18.52
CA LEU D 84 26.45 42.45 19.01
C LEU D 84 27.39 43.28 18.16
N THR D 85 27.30 44.58 18.34
CA THR D 85 28.03 45.50 17.48
C THR D 85 29.53 45.25 17.54
N ASN D 86 30.06 44.88 18.70
CA ASN D 86 31.49 44.72 18.86
C ASN D 86 31.99 43.37 18.39
N LEU D 87 31.16 42.66 17.62
CA LEU D 87 31.58 41.41 17.02
C LEU D 87 32.66 41.68 15.99
N THR D 88 33.81 41.04 16.17
CA THR D 88 34.92 41.16 15.25
C THR D 88 35.12 39.91 14.40
N TYR D 89 35.13 38.73 15.01
CA TYR D 89 35.22 37.43 14.34
C TYR D 89 33.95 36.65 14.60
N LEU D 90 33.25 36.27 13.55
CA LEU D 90 32.07 35.44 13.68
C LEU D 90 32.33 34.15 12.92
N ILE D 91 32.17 33.01 13.60
CA ILE D 91 32.42 31.71 12.99
C ILE D 91 31.23 30.79 13.28
N LEU D 92 30.34 30.64 12.30
CA LEU D 92 29.14 29.80 12.40
C LEU D 92 29.28 28.57 11.49
N THR D 93 29.72 27.45 12.06
CA THR D 93 30.03 26.26 11.30
C THR D 93 29.16 25.09 11.73
N GLY D 94 28.89 24.19 10.79
CA GLY D 94 28.19 22.98 11.11
C GLY D 94 26.75 23.17 11.49
N ASN D 95 26.23 24.38 11.35
CA ASN D 95 24.83 24.60 11.71
C ASN D 95 23.86 24.53 10.54
N GLN D 96 22.71 23.90 10.78
CA GLN D 96 21.68 23.79 9.77
C GLN D 96 20.70 24.96 9.71
N LEU D 97 21.21 26.10 9.24
CA LEU D 97 20.39 27.28 8.99
C LEU D 97 20.21 27.45 7.49
N GLN D 98 18.97 27.51 7.03
CA GLN D 98 18.72 27.41 5.60
C GLN D 98 18.80 28.73 4.88
N SER D 99 18.88 29.83 5.62
CA SER D 99 18.65 31.15 5.05
C SER D 99 19.24 32.22 5.97
N LEU D 100 19.52 33.38 5.41
CA LEU D 100 19.94 34.44 6.30
C LEU D 100 18.80 35.45 6.43
N PRO D 101 18.46 35.91 7.64
CA PRO D 101 17.53 37.05 7.77
C PRO D 101 17.96 38.21 6.90
N ASN D 102 17.03 38.84 6.20
CA ASN D 102 17.41 40.13 5.64
C ASN D 102 17.89 41.06 6.77
N GLY D 103 19.16 41.46 6.68
CA GLY D 103 19.77 42.43 7.57
C GLY D 103 20.20 41.97 8.93
N VAL D 104 20.63 40.72 9.06
CA VAL D 104 21.19 40.26 10.32
C VAL D 104 22.59 40.83 10.54
N PHE D 105 23.35 41.10 9.48
CA PHE D 105 24.72 41.56 9.65
C PHE D 105 24.83 43.08 9.58
N ASP D 106 23.70 43.75 9.31
CA ASP D 106 23.68 45.20 9.11
C ASP D 106 24.41 45.98 10.20
N LYS D 107 24.33 45.52 11.45
CA LYS D 107 24.83 46.32 12.56
C LYS D 107 26.29 46.04 12.87
N LEU D 108 26.82 44.88 12.47
CA LEU D 108 28.12 44.40 12.95
C LEU D 108 29.25 45.01 12.12
N THR D 109 29.42 46.32 12.27
CA THR D 109 30.27 47.09 11.35
C THR D 109 31.73 46.87 11.69
N ASN D 110 32.01 46.22 12.81
CA ASN D 110 33.37 45.92 13.21
C ASN D 110 33.80 44.52 12.85
N LEU D 111 33.08 43.87 11.95
CA LEU D 111 33.46 42.53 11.56
C LEU D 111 34.71 42.57 10.69
N LYS D 112 35.72 41.79 11.07
CA LYS D 112 36.92 41.60 10.27
C LYS D 112 36.96 40.27 9.54
N GLU D 113 36.33 39.22 10.08
CA GLU D 113 36.34 37.89 9.48
C GLU D 113 35.00 37.22 9.72
N LEU D 114 34.38 36.70 8.66
CA LEU D 114 33.06 36.07 8.74
C LEU D 114 33.12 34.70 8.08
N VAL D 115 33.00 33.65 8.89
CA VAL D 115 33.09 32.28 8.42
C VAL D 115 31.73 31.61 8.57
N LEU D 116 30.94 31.65 7.49
CA LEU D 116 29.71 30.86 7.36
C LEU D 116 30.06 29.62 6.55
N VAL D 117 30.06 28.49 7.22
CA VAL D 117 30.56 27.27 6.61
C VAL D 117 29.60 26.13 6.95
N GLU D 118 29.38 25.27 5.97
CA GLU D 118 28.63 24.02 6.16
C GLU D 118 27.27 24.28 6.78
N ASN D 119 26.53 25.17 6.16
CA ASN D 119 25.20 25.22 6.46
C ASN D 119 24.40 24.82 5.12
N GLN D 120 23.08 24.82 5.15
CA GLN D 120 22.43 24.40 4.01
C GLN D 120 21.92 25.75 3.25
N LEU D 121 22.71 26.81 3.41
CA LEU D 121 22.48 28.04 2.66
C LEU D 121 22.26 27.78 1.18
N GLN D 122 21.12 28.22 0.67
CA GLN D 122 20.82 28.11 -0.76
C GLN D 122 20.83 29.46 -1.48
N SER D 123 20.74 30.56 -0.75
CA SER D 123 20.76 31.87 -1.37
C SER D 123 21.33 32.87 -0.38
N LEU D 124 21.79 33.95 -0.89
CA LEU D 124 22.14 35.03 0.01
C LEU D 124 21.17 36.20 -0.16
N PRO D 125 20.87 36.98 0.88
CA PRO D 125 19.95 38.12 0.71
C PRO D 125 20.56 39.24 -0.09
N ASP D 126 19.72 40.18 -0.52
CA ASP D 126 20.12 41.03 -1.63
C ASP D 126 20.75 42.10 -0.74
N GLY D 127 22.03 41.97 -0.42
CA GLY D 127 22.67 43.01 0.35
C GLY D 127 23.14 42.75 1.75
N VAL D 128 23.34 41.47 2.03
CA VAL D 128 23.65 41.04 3.39
C VAL D 128 24.98 41.62 3.84
N PHE D 129 25.97 41.61 2.95
CA PHE D 129 27.31 42.03 3.29
C PHE D 129 27.49 43.52 3.17
N ASP D 130 26.39 44.26 2.92
CA ASP D 130 26.49 45.63 2.42
C ASP D 130 27.07 46.58 3.44
N LYS D 131 26.97 46.26 4.72
CA LYS D 131 27.43 47.16 5.75
C LYS D 131 28.74 46.73 6.39
N LEU D 132 29.27 45.55 6.05
CA LEU D 132 30.46 44.99 6.70
C LEU D 132 31.71 45.48 5.98
N THR D 133 31.97 46.78 6.04
CA THR D 133 32.91 47.39 5.11
C THR D 133 34.32 47.08 5.58
N ASN D 134 34.52 46.71 6.84
CA ASN D 134 35.86 46.43 7.31
C ASN D 134 36.24 44.97 7.17
N LEU D 135 35.57 44.24 6.29
CA LEU D 135 35.76 42.80 6.20
C LEU D 135 37.03 42.47 5.43
N THR D 136 37.87 41.62 6.02
CA THR D 136 39.09 41.12 5.41
C THR D 136 38.96 39.71 4.87
N TYR D 137 38.45 38.78 5.68
CA TYR D 137 38.36 37.38 5.37
C TYR D 137 36.89 36.97 5.35
N LEU D 138 36.41 36.54 4.18
CA LEU D 138 35.03 36.08 4.07
C LEU D 138 35.11 34.65 3.56
N TYR D 139 34.61 33.73 4.38
CA TYR D 139 34.64 32.29 4.11
C TYR D 139 33.22 31.76 4.02
N LEU D 140 32.76 31.43 2.81
CA LEU D 140 31.41 30.94 2.60
C LEU D 140 31.37 29.48 2.16
N TYR D 141 32.38 28.68 2.52
CA TYR D 141 32.55 27.42 1.78
C TYR D 141 31.74 26.25 2.37
N HIS D 142 31.45 25.28 1.50
CA HIS D 142 30.50 24.18 1.77
C HIS D 142 29.07 24.69 2.04
N ASN D 143 28.64 25.71 1.33
CA ASN D 143 27.20 25.97 1.31
C ASN D 143 26.60 25.46 0.02
N GLN D 144 25.29 25.43 0.02
CA GLN D 144 24.59 24.93 -1.16
C GLN D 144 24.16 26.07 -2.06
N LEU D 145 24.84 27.20 -1.99
CA LEU D 145 24.52 28.32 -2.87
C LEU D 145 24.54 27.88 -4.32
N GLN D 146 23.57 28.34 -5.11
CA GLN D 146 23.62 28.13 -6.55
C GLN D 146 23.87 29.43 -7.32
N SER D 147 23.03 30.45 -7.17
CA SER D 147 23.36 31.73 -7.78
C SER D 147 23.85 32.71 -6.73
N LEU D 148 24.28 33.88 -7.17
CA LEU D 148 24.67 34.95 -6.24
C LEU D 148 23.95 36.24 -6.56
N PRO D 149 23.75 37.12 -5.58
CA PRO D 149 23.11 38.41 -5.85
C PRO D 149 24.06 39.32 -6.58
N LYS D 150 23.50 40.24 -7.35
CA LYS D 150 24.35 41.20 -8.03
C LYS D 150 25.03 42.08 -6.99
N GLY D 151 26.28 42.42 -7.26
CA GLY D 151 27.06 43.30 -6.40
C GLY D 151 27.08 42.93 -4.94
N VAL D 152 26.89 41.64 -4.64
CA VAL D 152 26.87 41.15 -3.26
C VAL D 152 28.17 41.48 -2.54
N PHE D 153 29.26 41.63 -3.28
CA PHE D 153 30.53 41.96 -2.69
C PHE D 153 30.94 43.41 -2.91
N ASP D 154 30.09 44.21 -3.57
CA ASP D 154 30.47 45.54 -4.03
C ASP D 154 30.85 46.49 -2.90
N LYS D 155 30.54 46.15 -1.65
CA LYS D 155 30.85 47.01 -0.52
C LYS D 155 32.08 46.58 0.29
N LEU D 156 32.53 45.33 0.14
CA LEU D 156 33.67 44.81 0.89
C LEU D 156 34.96 45.19 0.19
N THR D 157 35.30 46.48 0.21
CA THR D 157 36.46 47.04 -0.48
C THR D 157 37.79 46.67 0.14
N ASN D 158 37.79 46.17 1.38
CA ASN D 158 39.02 45.83 2.09
C ASN D 158 39.27 44.33 2.11
N LEU D 159 38.44 43.58 1.40
CA LEU D 159 38.54 42.13 1.36
C LEU D 159 39.88 41.67 0.81
N THR D 160 40.51 40.71 1.47
CA THR D 160 41.71 40.08 0.91
C THR D 160 41.63 38.55 0.80
N ARG D 161 40.59 37.90 1.30
CA ARG D 161 40.44 36.45 1.15
C ARG D 161 38.97 36.12 1.05
N LEU D 162 38.59 35.48 -0.06
CA LEU D 162 37.21 35.14 -0.38
C LEU D 162 37.19 33.68 -0.76
N ASP D 163 36.39 32.87 -0.05
CA ASP D 163 36.30 31.42 -0.25
C ASP D 163 34.89 30.97 -0.59
N LEU D 164 34.67 30.70 -1.86
CA LEU D 164 33.39 30.26 -2.38
C LEU D 164 33.46 28.80 -2.80
N ASP D 165 34.52 28.10 -2.40
CA ASP D 165 34.74 26.73 -2.85
C ASP D 165 33.67 25.77 -2.33
N ASN D 166 33.45 24.71 -3.10
CA ASN D 166 32.58 23.63 -2.66
C ASN D 166 31.13 24.09 -2.44
N ASN D 167 30.63 24.99 -3.30
CA ASN D 167 29.22 25.34 -3.37
C ASN D 167 28.64 24.76 -4.66
N GLN D 168 27.43 25.18 -5.02
CA GLN D 168 26.87 24.81 -6.33
C GLN D 168 26.70 26.00 -7.26
N LEU D 169 27.66 26.92 -7.20
CA LEU D 169 27.61 28.08 -8.06
C LEU D 169 27.61 27.66 -9.52
N GLN D 170 26.50 27.96 -10.20
CA GLN D 170 26.35 27.65 -11.60
C GLN D 170 26.85 28.77 -12.50
N SER D 171 26.77 30.01 -12.04
CA SER D 171 27.33 31.14 -12.77
C SER D 171 27.51 32.30 -11.84
N LEU D 172 28.57 33.10 -12.08
CA LEU D 172 28.84 34.33 -11.36
C LEU D 172 28.20 35.52 -12.09
N PRO D 173 27.70 36.51 -11.36
CA PRO D 173 27.08 37.67 -12.02
C PRO D 173 28.13 38.56 -12.66
N GLU D 174 27.69 39.35 -13.63
CA GLU D 174 28.60 40.21 -14.37
C GLU D 174 29.37 41.10 -13.41
N GLY D 175 30.69 41.06 -13.52
CA GLY D 175 31.55 41.93 -12.74
C GLY D 175 31.35 41.84 -11.24
N VAL D 176 30.83 40.72 -10.73
CA VAL D 176 30.65 40.45 -9.30
C VAL D 176 31.92 40.75 -8.51
N PHE D 177 33.09 40.71 -9.16
CA PHE D 177 34.37 40.93 -8.52
C PHE D 177 35.01 42.28 -8.83
N ASP D 178 34.26 43.20 -9.44
CA ASP D 178 34.85 44.43 -9.99
C ASP D 178 35.36 45.38 -8.91
N LYS D 179 34.74 45.40 -7.75
CA LYS D 179 35.06 46.38 -6.74
C LYS D 179 35.92 45.81 -5.60
N LEU D 180 36.67 44.72 -5.83
CA LEU D 180 37.50 44.23 -4.72
C LEU D 180 38.88 44.89 -4.68
N THR D 181 39.69 44.68 -5.72
CA THR D 181 40.97 45.34 -6.00
C THR D 181 42.02 45.06 -4.92
N GLN D 182 41.65 44.45 -3.81
CA GLN D 182 42.57 44.10 -2.76
C GLN D 182 42.66 42.61 -2.57
N LEU D 183 41.70 41.85 -3.12
CA LEU D 183 41.70 40.41 -2.98
C LEU D 183 43.03 39.83 -3.45
N LYS D 184 43.71 39.09 -2.56
CA LYS D 184 44.86 38.29 -2.95
C LYS D 184 44.57 36.79 -3.07
N GLN D 185 43.49 36.26 -2.47
CA GLN D 185 43.12 34.84 -2.57
C GLN D 185 41.63 34.69 -2.84
N LEU D 186 41.31 33.99 -3.94
CA LEU D 186 39.94 33.72 -4.37
C LEU D 186 39.81 32.25 -4.75
N SER D 187 38.87 31.55 -4.14
CA SER D 187 38.67 30.12 -4.38
C SER D 187 37.31 29.88 -5.04
N LEU D 188 37.32 29.13 -6.12
CA LEU D 188 36.08 28.80 -6.82
C LEU D 188 36.02 27.32 -7.12
N ASN D 189 36.88 26.53 -6.51
CA ASN D 189 36.95 25.13 -6.85
C ASN D 189 35.72 24.39 -6.35
N ASP D 190 35.50 23.22 -6.94
CA ASP D 190 34.40 22.37 -6.53
C ASP D 190 33.07 23.11 -6.65
N ASN D 191 32.85 23.74 -7.81
CA ASN D 191 31.56 24.38 -8.02
C ASN D 191 31.02 23.99 -9.38
N GLN D 192 29.85 24.51 -9.75
CA GLN D 192 29.25 24.12 -11.02
C GLN D 192 29.36 25.11 -12.17
N LEU D 193 30.44 25.87 -12.21
CA LEU D 193 30.60 26.89 -13.24
C LEU D 193 30.88 26.28 -14.62
N LYS D 194 30.17 26.76 -15.62
CA LYS D 194 30.51 26.40 -16.98
C LYS D 194 31.51 27.43 -17.49
N SER D 195 31.37 28.68 -17.05
CA SER D 195 32.05 29.79 -17.72
C SER D 195 32.01 30.97 -16.76
N VAL D 196 33.09 31.75 -16.72
CA VAL D 196 33.07 33.00 -15.95
C VAL D 196 32.77 34.18 -16.87
N PRO D 197 32.13 35.23 -16.34
CA PRO D 197 31.73 36.38 -17.17
C PRO D 197 32.92 37.06 -17.85
N ASP D 198 32.65 37.63 -19.04
CA ASP D 198 33.69 38.27 -19.83
C ASP D 198 34.36 39.33 -18.96
N GLY D 199 35.59 39.08 -18.55
CA GLY D 199 36.34 40.05 -17.76
C GLY D 199 35.93 40.17 -16.32
N VAL D 200 35.67 39.04 -15.65
CA VAL D 200 35.24 39.14 -14.27
C VAL D 200 36.44 39.34 -13.36
N PHE D 201 37.60 38.83 -13.76
CA PHE D 201 38.85 38.93 -12.99
C PHE D 201 39.73 40.11 -13.42
N ASP D 202 39.21 41.01 -14.25
CA ASP D 202 40.06 42.03 -14.87
C ASP D 202 40.51 43.11 -13.89
N ARG D 203 39.89 43.25 -12.73
CA ARG D 203 40.27 44.32 -11.82
C ARG D 203 40.84 43.87 -10.50
N LEU D 204 41.07 42.57 -10.32
CA LEU D 204 41.62 42.01 -9.08
C LEU D 204 43.14 42.12 -9.15
N THR D 205 43.62 43.36 -9.13
CA THR D 205 45.02 43.69 -9.34
C THR D 205 45.89 43.42 -8.12
N SER D 206 45.35 42.75 -7.10
CA SER D 206 46.15 42.32 -5.95
C SER D 206 46.13 40.81 -5.79
N LEU D 207 45.61 40.09 -6.80
CA LEU D 207 45.39 38.65 -6.72
C LEU D 207 46.60 37.73 -6.93
N THR D 208 46.87 36.88 -5.93
CA THR D 208 47.98 35.94 -6.08
C THR D 208 47.65 34.45 -6.11
N HIS D 209 46.58 34.05 -5.41
CA HIS D 209 46.13 32.67 -5.37
C HIS D 209 44.69 32.59 -5.88
N ILE D 210 44.44 31.70 -6.83
CA ILE D 210 43.09 31.40 -7.29
C ILE D 210 42.98 29.90 -7.56
N TRP D 211 41.80 29.35 -7.27
CA TRP D 211 41.51 27.93 -7.41
C TRP D 211 40.27 27.81 -8.26
N LEU D 212 40.38 27.12 -9.40
CA LEU D 212 39.26 26.95 -10.30
C LEU D 212 38.90 25.49 -10.56
N LEU D 213 39.63 24.54 -9.96
CA LEU D 213 39.52 23.12 -10.28
C LEU D 213 38.16 22.54 -9.93
N ASN D 214 37.86 21.38 -10.52
CA ASN D 214 36.61 20.66 -10.20
C ASN D 214 35.36 21.46 -10.55
N ASN D 215 35.39 22.12 -11.71
CA ASN D 215 34.19 22.74 -12.27
C ASN D 215 33.87 22.13 -13.62
N PRO D 216 32.62 21.99 -13.93
CA PRO D 216 32.22 21.49 -15.23
C PRO D 216 32.37 22.50 -16.35
N TRP D 217 33.57 23.09 -16.45
CA TRP D 217 33.82 24.11 -17.47
C TRP D 217 33.40 23.59 -18.84
N ASP D 218 32.71 24.44 -19.59
CA ASP D 218 32.10 24.06 -20.86
C ASP D 218 32.96 24.61 -22.00
N CYS D 219 34.01 23.85 -22.39
CA CYS D 219 34.94 24.26 -23.44
C CYS D 219 34.41 24.01 -24.82
N ALA D 220 33.11 23.81 -24.99
CA ALA D 220 32.53 23.82 -26.32
C ALA D 220 31.78 25.11 -26.58
N CYS D 221 31.30 25.75 -25.54
CA CYS D 221 30.73 27.08 -25.67
C CYS D 221 31.84 28.12 -25.83
N SER D 222 31.52 29.20 -26.53
CA SER D 222 32.48 30.27 -26.78
C SER D 222 32.67 31.19 -25.57
N ASP D 223 31.90 31.00 -24.51
CA ASP D 223 32.08 31.84 -23.34
C ASP D 223 33.32 31.43 -22.57
N ILE D 224 33.78 30.19 -22.76
CA ILE D 224 34.97 29.74 -22.05
C ILE D 224 36.21 30.48 -22.52
N LEU D 225 36.18 31.04 -23.74
CA LEU D 225 37.39 31.64 -24.30
C LEU D 225 38.06 32.57 -23.29
N TYR D 226 37.27 33.40 -22.63
CA TYR D 226 37.83 34.35 -21.65
C TYR D 226 38.64 33.64 -20.57
N LEU D 227 38.11 32.56 -20.01
CA LEU D 227 38.86 31.83 -18.99
C LEU D 227 40.16 31.29 -19.57
N SER D 228 40.11 30.79 -20.80
CA SER D 228 41.31 30.19 -21.39
C SER D 228 42.41 31.21 -21.57
N ARG D 229 42.08 32.32 -22.22
CA ARG D 229 43.06 33.36 -22.41
C ARG D 229 43.51 33.98 -21.09
N TRP D 230 42.73 33.85 -20.01
CA TRP D 230 43.20 34.32 -18.72
C TRP D 230 44.17 33.34 -18.08
N ILE D 231 43.86 32.04 -18.07
CA ILE D 231 44.79 31.06 -17.50
C ILE D 231 46.13 31.14 -18.20
N SER D 232 46.10 31.35 -19.52
CA SER D 232 47.33 31.46 -20.30
C SER D 232 48.14 32.67 -19.86
N GLN D 233 47.48 33.78 -19.58
CA GLN D 233 48.17 34.99 -19.15
C GLN D 233 48.69 34.76 -17.74
N HIS D 234 47.89 34.26 -16.80
CA HIS D 234 48.32 34.15 -15.41
C HIS D 234 48.36 32.68 -14.98
N PRO D 235 49.49 32.00 -15.21
CA PRO D 235 49.55 30.57 -14.85
C PRO D 235 50.15 30.56 -13.47
N GLY D 236 50.96 31.56 -13.13
CA GLY D 236 51.59 31.54 -11.83
C GLY D 236 50.60 31.98 -10.76
N LEU D 237 49.36 32.22 -11.18
CA LEU D 237 48.30 32.58 -10.27
C LEU D 237 47.40 31.41 -9.87
N VAL D 238 47.38 30.32 -10.64
CA VAL D 238 46.40 29.25 -10.47
C VAL D 238 47.01 28.11 -9.65
N PHE D 239 46.28 27.68 -8.62
CA PHE D 239 46.75 26.66 -7.70
C PHE D 239 45.83 25.43 -7.73
N GLY D 240 46.23 24.38 -7.01
CA GLY D 240 45.42 23.18 -6.92
C GLY D 240 45.45 22.64 -5.51
N TYR D 241 45.93 21.42 -5.36
CA TYR D 241 46.11 20.80 -4.04
C TYR D 241 47.56 20.82 -3.60
N LEU D 242 48.45 20.19 -4.36
CA LEU D 242 49.97 20.22 -4.10
C LEU D 242 50.55 21.55 -4.15
N ASN D 243 50.50 22.17 -5.33
CA ASN D 243 51.23 23.66 -5.70
C ASN D 243 50.42 24.15 -6.75
N LEU D 244 51.16 24.99 -7.47
CA LEU D 244 50.75 25.67 -8.86
C LEU D 244 50.37 24.52 -9.80
N ASP D 245 49.10 24.49 -10.18
CA ASP D 245 48.62 23.57 -11.20
C ASP D 245 47.62 24.52 -11.92
N PRO D 246 47.95 25.02 -13.11
CA PRO D 246 47.02 25.90 -13.80
C PRO D 246 46.24 25.00 -14.76
N ASP D 247 46.62 23.72 -14.82
CA ASP D 247 45.89 22.70 -15.56
C ASP D 247 44.80 22.03 -14.72
N SER D 248 44.60 22.46 -13.46
CA SER D 248 43.53 21.89 -12.65
C SER D 248 42.15 22.30 -13.17
N ALA D 249 42.08 23.46 -13.84
CA ALA D 249 40.84 23.92 -14.47
C ALA D 249 40.65 23.08 -15.73
N ARG D 250 40.04 21.92 -15.55
CA ARG D 250 39.88 21.00 -16.66
C ARG D 250 38.57 21.24 -17.39
N CYS D 251 38.56 20.93 -18.67
CA CYS D 251 37.31 20.96 -19.39
C CYS D 251 36.38 19.89 -18.84
N SER D 252 35.17 19.86 -19.36
CA SER D 252 34.18 18.90 -18.92
C SER D 252 33.98 17.85 -19.99
N GLY D 253 34.11 16.57 -19.61
CA GLY D 253 33.93 15.46 -20.53
C GLY D 253 35.14 15.10 -21.38
N THR D 254 36.06 16.04 -21.60
CA THR D 254 37.34 15.76 -22.24
C THR D 254 38.50 15.73 -21.26
N ASN D 255 38.39 16.43 -20.14
CA ASN D 255 39.44 16.54 -19.12
C ASN D 255 40.70 17.23 -19.62
N THR D 256 40.68 17.86 -20.81
CA THR D 256 41.80 18.61 -21.32
C THR D 256 41.88 19.97 -20.64
N PRO D 257 43.09 20.50 -20.46
CA PRO D 257 43.24 21.79 -19.78
C PRO D 257 42.45 22.88 -20.47
N VAL D 258 41.90 23.78 -19.66
CA VAL D 258 41.15 24.89 -20.23
C VAL D 258 42.07 25.77 -21.05
N ARG D 259 43.25 26.08 -20.52
CA ARG D 259 44.16 27.00 -21.18
C ARG D 259 44.62 26.49 -22.54
N ALA D 260 44.19 25.28 -22.92
CA ALA D 260 44.52 24.67 -24.20
C ALA D 260 43.42 24.81 -25.23
N VAL D 261 42.37 25.56 -24.93
CA VAL D 261 41.23 25.71 -25.82
C VAL D 261 41.52 26.83 -26.81
N THR D 262 41.40 26.53 -28.09
CA THR D 262 41.64 27.53 -29.14
C THR D 262 40.31 28.02 -29.70
N GLU D 263 40.32 29.25 -30.22
CA GLU D 263 39.09 29.90 -30.71
C GLU D 263 38.36 29.01 -31.70
N ALA D 264 39.09 28.47 -32.67
CA ALA D 264 38.46 27.72 -33.73
C ALA D 264 37.86 26.40 -33.24
N SER D 265 38.12 26.01 -31.98
CA SER D 265 37.68 24.74 -31.42
C SER D 265 36.39 24.85 -30.60
N THR D 266 35.65 25.96 -30.75
CA THR D 266 34.34 26.13 -30.13
C THR D 266 33.41 26.81 -31.13
N SER D 267 32.16 26.99 -30.72
CA SER D 267 31.14 27.65 -31.54
C SER D 267 30.12 28.32 -30.63
N PRO D 268 29.81 29.60 -30.86
CA PRO D 268 28.83 30.28 -30.01
C PRO D 268 27.46 29.71 -30.14
N SER D 269 27.17 29.03 -31.24
CA SER D 269 25.84 28.46 -31.46
C SER D 269 25.46 27.53 -30.30
N LYS D 270 26.43 27.10 -29.50
CA LYS D 270 26.23 26.17 -28.38
C LYS D 270 26.37 26.93 -27.05
N CYS D 271 25.26 27.05 -26.29
CA CYS D 271 25.11 27.53 -24.89
C CYS D 271 23.69 28.12 -24.59
#